data_3AVX
#
_entry.id   3AVX
#
_cell.length_a   139.310
_cell.length_b   256.580
_cell.length_c   101.590
_cell.angle_alpha   90.00
_cell.angle_beta   90.00
_cell.angle_gamma   90.00
#
_symmetry.space_group_name_H-M   'C 2 2 21'
#
loop_
_entity.id
_entity.type
_entity.pdbx_description
1 polymer 'Elongation factor Ts, Elongation factor Tu, LINKER, Q beta replicase'
2 polymer "RNA (5'-R(*GP*GP*GP*UP*CP*CP*AP*UP*C)-3')"
3 polymer "RNA (5'-R(*AP*AP*CP*GP*AP*UP*GP*GP*AP*CP*CP*CP*A)-3')"
4 non-polymer "3'-DEOXY-GUANOSINE-5'-TRIPHOSPHATE"
5 non-polymer 'CALCIUM ION'
6 water water
#
loop_
_entity_poly.entity_id
_entity_poly.type
_entity_poly.pdbx_seq_one_letter_code
_entity_poly.pdbx_strand_id
1 'polypeptide(L)'
;MAEITASLVKELRERTGAGMMDCKKALTEANGDIELAIENMRKSGAIKAAKKAGNVAADGVIKTKIDGNYGIILEVNCQT
DFVAKDAGFQAFADKVLDAAVAGKITDVEVLKAQFEEERVALVAKIGENINIRRVAALEGDVLGSYQHGARIGVLVAAKG
ADEELVKHIAMHVAASKPEFIKPEDVSAEVVEKEYQVQLDIAMQSGKPKEIAEKMVEGRMKKFTGEVSLTGQPFVMEPSK
TVGQLLKEHNAEVTGFIRFEVGEGIEKVETDFAAEVAAMSKQSHMSKEKFERTKPHVNVGTIGHVDHGKTTLTAAITTVL
AKTYGGAARAFDQIDNAPEEKARGITINTSHVEYDTPTRHYAHVDCPGHADYVKNMITGAAQMDGAILVVAATDGPMPQT
REHILLGRQVGVPYIIVFLNKCDMVDDEELLELVEMEVRELLSQYDFPGDDTPIVRGSALKALEGDAEWEAKILELAGFL
DSYIPEPERAIDKPFLLPIEDVFSISGRGTVVTGRVERGIIKVGEEVEIVGIKETQKSTCTGVEMFRKLLDEGRAGENVG
VLLRGIKREEIERGQVLAKPGTIKPHTKFESEVYILSKDEGGRHTPFFKGYRPQFYFRTTDVTGTIELPEGVEMVMPGDN
IKMVVTLIHPIAMDDGLRFAIREGGRTVGAGVVAKVLSGASGAAGGGGSGGGGSMSKTASSRNSLSAQLRRAANTRIEVE
GNLALSIANDLLLAYGQSPFNSEAECISFSPRFDGTPDDFRINYLKAEIMSKYDDFSLGIDTEAVAWEKFLAAEAECALT
NARLYRPDYSEDFNFSLGESCIHMARRKIAKLIGDVPSVEGMLRHCRFSGGATTTNNRSYGHPSFKFALPQACTPRALKY
VLALRASTHFDIRISDISPFNKAVTVPKNSKTDRCIAIEPGWNMFFQLGIGGILRDRLRCWGIDLNDQTINQRRAHEGSV
TNNLATVDLSAASDSISLALCELLLPPGWFEVLMDLRSPKGRLPDGSVVTYEKISSMGNGYTFELESLIFASLARSVCEI
LDLDSSEVTVYGDDIILPSCAVPALREVFKYVGFTTNTKKTFSEGPFRESCGKHYYSGVDVTPFYIRHRIVSPADLILVL
NNLYRWATIDGVWDPRAHSVYLKYRKLLPKQLQRNTIPDGYGDGALVGSVLINPFAKNRGWIRYVPVITDHTRDRERAEL
GSYLYDLFSRCLSESNDGLPLRGPSGCDSADLFAIDQLICRSNPTKISRSTGKFDIQYIACSSRVLAPYGVFQGTKVASL
HEAHHHHHH
;
A
2 'polyribonucleotide' GGGUCCAUC G
3 'polyribonucleotide' AACGAUGGACCCA T
#
loop_
_chem_comp.id
_chem_comp.type
_chem_comp.name
_chem_comp.formula
A RNA linking ADENOSINE-5'-MONOPHOSPHATE 'C10 H14 N5 O7 P'
C RNA linking CYTIDINE-5'-MONOPHOSPHATE 'C9 H14 N3 O8 P'
CA non-polymer 'CALCIUM ION' 'Ca 2'
G RNA linking GUANOSINE-5'-MONOPHOSPHATE 'C10 H14 N5 O8 P'
GH3 RNA linking 3'-DEOXY-GUANOSINE-5'-TRIPHOSPHATE 'C10 H16 N5 O13 P3'
U RNA linking URIDINE-5'-MONOPHOSPHATE 'C9 H13 N2 O9 P'
#
# COMPACT_ATOMS: atom_id res chain seq x y z
N ALA A 2 25.34 -42.63 -31.77
CA ALA A 2 25.91 -41.31 -32.03
C ALA A 2 25.47 -40.79 -33.39
N GLU A 3 26.45 -40.35 -34.17
CA GLU A 3 26.22 -39.99 -35.57
C GLU A 3 27.58 -39.80 -36.23
N ILE A 4 28.45 -39.03 -35.59
CA ILE A 4 29.80 -38.80 -36.10
C ILE A 4 30.85 -39.25 -35.11
N THR A 5 32.10 -39.23 -35.56
CA THR A 5 33.24 -39.64 -34.74
C THR A 5 33.85 -38.44 -33.99
N ALA A 6 33.25 -38.11 -32.86
CA ALA A 6 33.68 -36.97 -32.05
C ALA A 6 33.63 -37.29 -30.55
N SER A 7 34.73 -37.82 -30.02
CA SER A 7 34.78 -38.26 -28.64
C SER A 7 35.69 -37.40 -27.76
N LEU A 8 36.60 -36.67 -28.40
CA LEU A 8 37.48 -35.73 -27.71
C LEU A 8 37.39 -34.34 -28.35
N VAL A 9 36.17 -33.80 -28.39
CA VAL A 9 35.91 -32.45 -28.89
C VAL A 9 36.14 -31.43 -27.78
N LYS A 10 36.36 -31.92 -26.56
CA LYS A 10 36.55 -31.06 -25.40
C LYS A 10 37.77 -30.17 -25.57
N GLU A 11 38.74 -30.64 -26.33
CA GLU A 11 39.92 -29.84 -26.65
C GLU A 11 39.54 -28.66 -27.55
N LEU A 12 38.58 -28.89 -28.45
CA LEU A 12 38.14 -27.82 -29.35
C LEU A 12 37.31 -26.78 -28.61
N ARG A 13 36.71 -27.20 -27.51
CA ARG A 13 35.90 -26.29 -26.71
C ARG A 13 36.66 -25.71 -25.52
N GLU A 14 37.65 -26.45 -25.05
CA GLU A 14 38.48 -26.05 -23.91
C GLU A 14 39.35 -24.82 -24.22
N ARG A 15 39.01 -24.11 -25.29
CA ARG A 15 39.72 -22.89 -25.65
C ARG A 15 38.82 -21.94 -26.41
N THR A 16 37.57 -22.36 -26.64
CA THR A 16 36.61 -21.54 -27.37
C THR A 16 35.30 -21.33 -26.60
N GLY A 17 34.96 -22.27 -25.72
CA GLY A 17 33.71 -22.22 -24.98
C GLY A 17 32.53 -21.92 -25.89
N ALA A 18 32.54 -22.54 -27.07
CA ALA A 18 31.56 -22.27 -28.11
C ALA A 18 30.35 -23.19 -28.05
N GLY A 19 30.58 -24.48 -27.83
CA GLY A 19 29.50 -25.43 -27.75
C GLY A 19 29.79 -26.78 -28.34
N MET A 20 29.11 -27.80 -27.81
CA MET A 20 29.31 -29.16 -28.28
C MET A 20 28.63 -29.40 -29.63
N MET A 21 27.92 -28.41 -30.14
CA MET A 21 27.28 -28.52 -31.45
C MET A 21 27.72 -27.39 -32.38
N ASP A 22 28.66 -26.60 -31.90
CA ASP A 22 29.32 -25.60 -32.72
C ASP A 22 30.79 -25.97 -32.77
N CYS A 23 31.16 -26.93 -31.92
CA CYS A 23 32.49 -27.52 -31.97
C CYS A 23 32.47 -28.87 -32.70
N LYS A 24 31.53 -29.72 -32.32
CA LYS A 24 31.33 -31.00 -33.01
C LYS A 24 30.90 -30.75 -34.45
N LYS A 25 30.40 -29.55 -34.72
CA LYS A 25 29.88 -29.19 -36.03
C LYS A 25 30.94 -28.59 -36.95
N ALA A 26 31.65 -27.58 -36.45
CA ALA A 26 32.70 -26.93 -37.21
C ALA A 26 33.95 -27.81 -37.23
N LEU A 27 33.77 -29.08 -36.91
CA LEU A 27 34.86 -30.04 -36.89
C LEU A 27 34.63 -31.09 -37.98
N THR A 28 33.38 -31.24 -38.39
CA THR A 28 33.02 -32.19 -39.45
C THR A 28 33.16 -31.54 -40.83
N GLU A 29 33.34 -30.22 -40.84
CA GLU A 29 33.55 -29.47 -42.06
C GLU A 29 34.99 -28.99 -42.13
N ALA A 30 35.76 -29.39 -41.13
CA ALA A 30 37.20 -29.15 -41.08
C ALA A 30 37.92 -30.50 -41.07
N ASN A 31 37.19 -31.54 -41.46
CA ASN A 31 37.69 -32.91 -41.54
C ASN A 31 38.51 -33.41 -40.34
N GLY A 32 38.57 -32.61 -39.28
CA GLY A 32 39.25 -33.00 -38.06
C GLY A 32 40.58 -32.32 -37.82
N ASP A 33 40.64 -31.03 -38.07
CA ASP A 33 41.87 -30.25 -37.83
C ASP A 33 41.67 -29.30 -36.66
N ILE A 34 42.33 -29.62 -35.55
CA ILE A 34 42.16 -28.90 -34.28
C ILE A 34 42.31 -27.38 -34.44
N GLU A 35 43.43 -26.96 -35.02
CA GLU A 35 43.70 -25.54 -35.22
C GLU A 35 42.92 -24.96 -36.40
N LEU A 36 42.31 -25.83 -37.21
CA LEU A 36 41.53 -25.40 -38.37
C LEU A 36 40.13 -24.94 -38.01
N ALA A 37 39.44 -25.74 -37.19
CA ALA A 37 38.10 -25.41 -36.75
C ALA A 37 38.08 -24.06 -36.04
N ILE A 38 39.08 -23.83 -35.19
CA ILE A 38 39.20 -22.57 -34.45
C ILE A 38 38.87 -21.38 -35.32
N GLU A 39 39.28 -21.44 -36.59
CA GLU A 39 39.15 -20.31 -37.50
C GLU A 39 37.79 -20.28 -38.20
N ASN A 40 37.25 -21.46 -38.49
CA ASN A 40 35.93 -21.54 -39.10
C ASN A 40 34.89 -20.90 -38.20
N MET A 41 35.18 -20.90 -36.90
CA MET A 41 34.29 -20.36 -35.88
C MET A 41 34.50 -18.87 -35.68
N ARG A 42 35.75 -18.44 -35.81
CA ARG A 42 36.09 -17.04 -35.68
C ARG A 42 35.19 -16.19 -36.58
N LYS A 43 35.40 -16.29 -37.89
CA LYS A 43 34.70 -15.45 -38.87
C LYS A 43 33.21 -15.82 -39.03
N SER A 44 32.81 -16.93 -38.42
CA SER A 44 31.40 -17.31 -38.40
C SER A 44 30.74 -16.83 -37.11
N GLY A 45 31.57 -16.52 -36.11
CA GLY A 45 31.08 -16.08 -34.82
C GLY A 45 30.51 -14.67 -34.84
N ALA A 46 30.71 -13.98 -35.96
CA ALA A 46 30.20 -12.63 -36.10
C ALA A 46 28.79 -12.67 -36.70
N ILE A 47 28.43 -13.80 -37.30
CA ILE A 47 27.10 -13.95 -37.90
C ILE A 47 26.06 -14.36 -36.86
N LYS A 48 26.54 -14.90 -35.73
CA LYS A 48 25.67 -15.16 -34.58
C LYS A 48 25.45 -13.88 -33.79
N ALA A 49 26.52 -13.12 -33.60
CA ALA A 49 26.43 -11.80 -32.99
C ALA A 49 25.63 -10.88 -33.92
N ALA A 50 25.45 -11.32 -35.16
CA ALA A 50 24.68 -10.58 -36.15
C ALA A 50 23.18 -10.61 -35.81
N LYS A 51 22.65 -11.79 -35.50
CA LYS A 51 21.26 -11.89 -35.09
C LYS A 51 21.14 -11.68 -33.59
N LYS A 52 22.30 -11.59 -32.94
CA LYS A 52 22.37 -11.28 -31.51
C LYS A 52 21.78 -9.90 -31.26
N ALA A 53 22.20 -8.92 -32.07
CA ALA A 53 21.72 -7.55 -31.92
C ALA A 53 20.20 -7.46 -32.10
N GLY A 54 19.55 -8.61 -32.24
CA GLY A 54 18.10 -8.67 -32.30
C GLY A 54 17.45 -8.84 -30.93
N ASN A 55 18.29 -8.81 -29.89
CA ASN A 55 17.83 -8.92 -28.51
C ASN A 55 18.11 -7.64 -27.74
N VAL A 56 17.06 -7.01 -27.22
CA VAL A 56 17.21 -5.82 -26.41
C VAL A 56 18.13 -6.11 -25.22
N ALA A 57 19.16 -5.28 -25.05
CA ALA A 57 20.15 -5.51 -23.98
C ALA A 57 20.22 -4.35 -22.99
N ALA A 58 19.27 -4.32 -22.06
CA ALA A 58 19.11 -3.18 -21.16
C ALA A 58 19.75 -3.35 -19.77
N ASP A 59 20.57 -4.38 -19.58
CA ASP A 59 21.33 -4.53 -18.35
C ASP A 59 22.80 -4.34 -18.69
N GLY A 60 23.67 -4.47 -17.69
CA GLY A 60 25.09 -4.31 -17.90
C GLY A 60 25.79 -3.68 -16.71
N VAL A 61 26.81 -2.87 -16.98
CA VAL A 61 27.52 -2.20 -15.91
C VAL A 61 27.86 -0.77 -16.30
N ILE A 62 28.23 0.02 -15.31
CA ILE A 62 28.88 1.29 -15.56
C ILE A 62 30.24 1.21 -14.90
N LYS A 63 31.20 1.97 -15.42
CA LYS A 63 32.56 1.99 -14.89
C LYS A 63 33.10 3.42 -14.96
N THR A 64 33.95 3.76 -14.02
CA THR A 64 34.57 5.08 -14.03
C THR A 64 36.05 5.00 -13.68
N LYS A 65 36.85 5.84 -14.34
CA LYS A 65 38.28 5.94 -14.05
C LYS A 65 38.73 7.41 -14.05
N ILE A 66 39.64 7.75 -13.13
CA ILE A 66 40.14 9.12 -12.99
C ILE A 66 41.67 9.21 -12.88
N ASP A 67 42.26 10.00 -13.79
CA ASP A 67 43.71 10.23 -13.84
C ASP A 67 44.05 11.46 -13.02
N GLY A 68 43.79 11.38 -11.72
CA GLY A 68 44.04 12.47 -10.78
C GLY A 68 43.49 13.82 -11.19
N ASN A 69 42.96 13.91 -12.41
CA ASN A 69 42.59 15.19 -12.99
C ASN A 69 41.81 15.00 -14.29
N TYR A 70 41.84 13.79 -14.83
CA TYR A 70 41.05 13.46 -16.01
C TYR A 70 40.17 12.24 -15.75
N GLY A 71 38.87 12.35 -16.00
CA GLY A 71 37.95 11.27 -15.71
C GLY A 71 37.14 10.77 -16.89
N ILE A 72 36.80 9.48 -16.85
CA ILE A 72 35.93 8.89 -17.87
C ILE A 72 34.86 7.96 -17.27
N ILE A 73 33.66 8.02 -17.82
CA ILE A 73 32.55 7.15 -17.41
C ILE A 73 32.11 6.26 -18.56
N LEU A 74 31.99 4.96 -18.28
CA LEU A 74 31.76 3.96 -19.31
C LEU A 74 30.45 3.20 -19.09
N GLU A 75 29.72 3.00 -20.18
CA GLU A 75 28.48 2.23 -20.16
C GLU A 75 28.55 1.09 -21.16
N VAL A 76 28.51 -0.14 -20.65
CA VAL A 76 28.57 -1.33 -21.49
C VAL A 76 27.42 -2.30 -21.16
N ASN A 77 26.49 -2.44 -22.11
CA ASN A 77 25.25 -3.21 -21.91
C ASN A 77 25.34 -4.70 -22.18
N CYS A 78 24.32 -5.41 -21.69
CA CYS A 78 24.13 -6.83 -21.92
C CYS A 78 22.68 -7.18 -21.61
N GLN A 79 22.33 -8.46 -21.64
CA GLN A 79 20.93 -8.85 -21.51
C GLN A 79 20.45 -9.12 -20.08
N THR A 80 21.34 -9.60 -19.20
CA THR A 80 20.97 -9.94 -17.82
C THR A 80 21.96 -9.55 -16.73
N ASP A 81 21.43 -9.44 -15.51
CA ASP A 81 22.21 -9.36 -14.28
C ASP A 81 23.39 -10.30 -14.31
N PHE A 82 23.11 -11.55 -14.69
CA PHE A 82 24.03 -12.67 -14.50
C PHE A 82 25.32 -12.54 -15.30
N VAL A 83 25.23 -12.07 -16.54
CA VAL A 83 26.43 -11.87 -17.34
C VAL A 83 27.18 -10.63 -16.83
N ALA A 84 26.43 -9.62 -16.41
CA ALA A 84 27.03 -8.40 -15.86
C ALA A 84 27.93 -8.65 -14.63
N LYS A 85 27.61 -9.70 -13.85
CA LYS A 85 28.44 -10.08 -12.71
C LYS A 85 29.48 -11.09 -13.15
N ASP A 86 29.30 -11.61 -14.37
CA ASP A 86 30.17 -12.66 -14.91
C ASP A 86 31.61 -12.19 -15.10
N ALA A 87 32.57 -12.99 -14.65
CA ALA A 87 34.00 -12.68 -14.70
C ALA A 87 34.49 -12.17 -16.05
N GLY A 88 34.08 -12.85 -17.12
CA GLY A 88 34.48 -12.48 -18.47
C GLY A 88 33.97 -11.12 -18.91
N PHE A 89 32.68 -10.87 -18.68
CA PHE A 89 32.05 -9.58 -19.00
C PHE A 89 32.69 -8.46 -18.19
N GLN A 90 33.18 -8.79 -17.01
CA GLN A 90 33.93 -7.82 -16.22
C GLN A 90 35.24 -7.42 -16.91
N ALA A 91 35.98 -8.43 -17.39
CA ALA A 91 37.28 -8.20 -18.03
C ALA A 91 37.21 -7.41 -19.34
N PHE A 92 36.21 -7.71 -20.18
CA PHE A 92 36.06 -7.00 -21.43
C PHE A 92 35.89 -5.52 -21.16
N ALA A 93 34.93 -5.20 -20.29
CA ALA A 93 34.57 -3.81 -20.03
C ALA A 93 35.53 -3.11 -19.07
N ASP A 94 36.34 -3.88 -18.35
CA ASP A 94 37.40 -3.30 -17.53
C ASP A 94 38.54 -2.87 -18.43
N LYS A 95 38.73 -3.59 -19.53
CA LYS A 95 39.77 -3.26 -20.50
C LYS A 95 39.33 -2.08 -21.38
N VAL A 96 38.15 -2.20 -21.99
CA VAL A 96 37.57 -1.11 -22.80
C VAL A 96 37.48 0.19 -21.99
N LEU A 97 37.74 0.07 -20.70
CA LEU A 97 37.69 1.20 -19.78
C LEU A 97 39.11 1.73 -19.57
N ASP A 98 40.00 0.86 -19.12
CA ASP A 98 41.42 1.18 -19.02
C ASP A 98 41.90 1.74 -20.36
N ALA A 99 41.61 0.98 -21.43
CA ALA A 99 41.95 1.40 -22.78
C ALA A 99 40.95 2.43 -23.30
N ALA A 100 40.68 3.43 -22.47
CA ALA A 100 39.86 4.56 -22.86
C ALA A 100 40.24 5.71 -21.92
N VAL A 101 41.01 5.37 -20.89
CA VAL A 101 41.55 6.35 -19.97
C VAL A 101 42.87 6.91 -20.52
N ALA A 102 43.91 6.08 -20.50
CA ALA A 102 45.22 6.45 -21.05
C ALA A 102 45.08 6.99 -22.48
N GLY A 103 44.49 6.17 -23.36
CA GLY A 103 44.15 6.64 -24.69
C GLY A 103 42.86 7.42 -24.59
N LYS A 104 42.94 8.62 -24.04
CA LYS A 104 41.77 9.45 -23.79
C LYS A 104 40.79 9.53 -24.97
N ILE A 105 39.75 8.69 -24.93
CA ILE A 105 38.74 8.66 -25.97
C ILE A 105 37.44 9.34 -25.50
N THR A 106 36.59 9.71 -26.45
CA THR A 106 35.33 10.38 -26.16
C THR A 106 34.34 10.05 -27.26
N ASP A 107 34.90 9.75 -28.43
CA ASP A 107 34.11 9.34 -29.58
C ASP A 107 33.67 7.89 -29.39
N VAL A 108 32.38 7.71 -29.15
CA VAL A 108 31.85 6.40 -28.80
C VAL A 108 32.12 5.34 -29.87
N GLU A 109 31.64 5.57 -31.09
CA GLU A 109 31.78 4.59 -32.16
C GLU A 109 33.24 4.37 -32.56
N VAL A 110 34.14 5.15 -31.98
CA VAL A 110 35.57 4.96 -32.21
C VAL A 110 36.13 3.86 -31.32
N LEU A 111 35.82 3.93 -30.03
CA LEU A 111 36.25 2.92 -29.07
C LEU A 111 35.53 1.60 -29.35
N LYS A 112 34.38 1.69 -30.01
CA LYS A 112 33.58 0.53 -30.38
C LYS A 112 34.27 -0.40 -31.38
N ALA A 113 34.71 0.14 -32.52
CA ALA A 113 35.28 -0.67 -33.60
C ALA A 113 36.72 -1.15 -33.34
N GLN A 114 37.36 -0.57 -32.33
CA GLN A 114 38.69 -1.00 -31.87
C GLN A 114 38.54 -2.24 -30.99
N PHE A 115 37.29 -2.52 -30.64
CA PHE A 115 36.91 -3.61 -29.74
C PHE A 115 35.75 -4.42 -30.33
N GLU A 116 35.77 -4.67 -31.63
CA GLU A 116 34.67 -5.37 -32.29
C GLU A 116 34.97 -6.85 -32.46
N GLU A 117 36.22 -7.17 -32.77
CA GLU A 117 36.62 -8.55 -32.96
C GLU A 117 36.75 -9.28 -31.62
N GLU A 118 37.02 -8.53 -30.55
CA GLU A 118 37.06 -9.12 -29.22
C GLU A 118 35.65 -9.15 -28.64
N ARG A 119 34.77 -8.34 -29.23
CA ARG A 119 33.38 -8.27 -28.81
C ARG A 119 32.60 -9.46 -29.35
N VAL A 120 33.04 -10.00 -30.48
CA VAL A 120 32.41 -11.20 -31.05
C VAL A 120 33.05 -12.47 -30.47
N ALA A 121 34.23 -12.31 -29.86
CA ALA A 121 34.93 -13.42 -29.20
C ALA A 121 34.31 -13.66 -27.83
N LEU A 122 33.78 -12.61 -27.24
CA LEU A 122 33.14 -12.70 -25.93
C LEU A 122 31.63 -12.57 -26.03
N VAL A 123 31.08 -12.76 -27.23
CA VAL A 123 29.63 -12.74 -27.41
C VAL A 123 29.18 -14.11 -27.91
N ALA A 124 30.12 -14.83 -28.52
CA ALA A 124 29.87 -16.18 -28.98
C ALA A 124 30.02 -17.07 -27.77
N LYS A 125 30.93 -16.67 -26.88
CA LYS A 125 31.20 -17.45 -25.68
C LYS A 125 30.11 -17.27 -24.62
N ILE A 126 29.49 -16.09 -24.60
CA ILE A 126 28.45 -15.78 -23.62
C ILE A 126 27.06 -16.20 -24.06
N GLY A 127 26.63 -15.73 -25.23
CA GLY A 127 25.30 -16.05 -25.73
C GLY A 127 24.32 -14.90 -25.56
N GLU A 128 24.85 -13.74 -25.18
CA GLU A 128 24.05 -12.52 -25.00
C GLU A 128 24.62 -11.34 -25.78
N ASN A 129 23.74 -10.49 -26.29
CA ASN A 129 24.16 -9.28 -27.03
C ASN A 129 24.91 -8.27 -26.15
N ILE A 130 26.24 -8.40 -26.11
CA ILE A 130 27.07 -7.41 -25.43
C ILE A 130 27.32 -6.27 -26.40
N ASN A 131 27.47 -5.06 -25.89
CA ASN A 131 27.53 -3.88 -26.75
C ASN A 131 27.89 -2.60 -26.00
N ILE A 132 29.12 -2.11 -26.16
CA ILE A 132 29.54 -0.87 -25.51
C ILE A 132 28.62 0.28 -25.90
N ARG A 133 27.66 0.63 -25.05
CA ARG A 133 26.65 1.62 -25.42
C ARG A 133 27.22 3.01 -25.67
N ARG A 134 27.38 3.79 -24.61
CA ARG A 134 27.85 5.16 -24.75
C ARG A 134 28.92 5.53 -23.72
N VAL A 135 29.97 6.19 -24.20
CA VAL A 135 31.03 6.66 -23.34
C VAL A 135 31.05 8.18 -23.35
N ALA A 136 31.64 8.76 -22.30
CA ALA A 136 31.82 10.19 -22.20
C ALA A 136 32.93 10.41 -21.17
N ALA A 137 33.33 11.66 -20.97
CA ALA A 137 34.45 11.97 -20.09
C ALA A 137 34.42 13.40 -19.61
N LEU A 138 35.06 13.63 -18.45
CA LEU A 138 34.98 14.91 -17.75
C LEU A 138 36.35 15.31 -17.20
N GLU A 139 36.65 16.61 -17.28
CA GLU A 139 37.91 17.13 -16.76
C GLU A 139 37.66 18.36 -15.90
N GLY A 140 38.38 18.47 -14.79
CA GLY A 140 38.20 19.58 -13.88
C GLY A 140 39.36 19.71 -12.91
N ASP A 141 39.33 20.77 -12.10
CA ASP A 141 40.39 21.05 -11.14
C ASP A 141 40.64 19.87 -10.20
N VAL A 142 39.73 19.68 -9.24
CA VAL A 142 39.79 18.52 -8.36
C VAL A 142 38.52 17.70 -8.49
N LEU A 143 38.56 16.69 -9.34
CA LEU A 143 37.38 15.85 -9.61
C LEU A 143 37.38 14.48 -8.89
N GLY A 144 36.18 13.95 -8.69
CA GLY A 144 36.00 12.69 -7.98
C GLY A 144 34.79 11.92 -8.48
N SER A 145 34.70 10.67 -8.07
CA SER A 145 33.64 9.79 -8.55
C SER A 145 32.99 8.93 -7.45
N TYR A 146 31.77 8.51 -7.73
CA TYR A 146 31.09 7.53 -6.89
C TYR A 146 30.42 6.48 -7.78
N GLN A 147 30.42 5.25 -7.25
CA GLN A 147 29.80 4.14 -7.92
C GLN A 147 29.13 3.30 -6.83
N HIS A 148 27.86 2.95 -6.99
CA HIS A 148 27.36 1.82 -6.21
C HIS A 148 26.96 0.67 -7.10
N GLY A 149 27.64 -0.45 -6.91
CA GLY A 149 27.46 -1.60 -7.78
C GLY A 149 27.77 -1.19 -9.20
N ALA A 150 27.18 -1.90 -10.13
CA ALA A 150 27.45 -1.65 -11.53
C ALA A 150 26.40 -0.71 -12.09
N ARG A 151 25.38 -0.43 -11.29
CA ARG A 151 24.18 0.20 -11.83
C ARG A 151 24.27 1.72 -12.08
N ILE A 152 24.85 2.46 -11.14
CA ILE A 152 24.98 3.90 -11.29
C ILE A 152 26.40 4.39 -11.03
N GLY A 153 26.95 5.15 -11.95
CA GLY A 153 28.26 5.72 -11.78
C GLY A 153 28.19 7.21 -12.03
N VAL A 154 28.97 7.98 -11.29
CA VAL A 154 29.05 9.41 -11.52
C VAL A 154 30.48 9.97 -11.48
N LEU A 155 30.68 11.00 -12.28
CA LEU A 155 31.90 11.79 -12.29
C LEU A 155 31.53 13.22 -11.90
N VAL A 156 32.25 13.77 -10.93
CA VAL A 156 32.02 15.15 -10.53
C VAL A 156 33.27 16.01 -10.73
N ALA A 157 33.08 17.23 -11.21
CA ALA A 157 34.20 18.16 -11.38
C ALA A 157 34.04 19.40 -10.49
N ALA A 158 34.89 19.51 -9.48
CA ALA A 158 34.83 20.64 -8.56
C ALA A 158 36.08 21.51 -8.60
N LYS A 159 36.02 22.59 -7.82
CA LYS A 159 37.08 23.58 -7.76
C LYS A 159 36.91 24.33 -6.46
N GLY A 160 37.91 24.23 -5.59
CA GLY A 160 37.79 24.82 -4.27
C GLY A 160 37.26 23.77 -3.33
N ALA A 161 37.08 22.57 -3.88
CA ALA A 161 36.60 21.42 -3.11
C ALA A 161 37.73 20.41 -2.93
N ASP A 162 37.70 19.68 -1.81
CA ASP A 162 38.71 18.63 -1.54
C ASP A 162 38.26 17.21 -1.87
N GLU A 163 38.85 16.22 -1.21
CA GLU A 163 38.57 14.81 -1.50
C GLU A 163 37.14 14.40 -1.14
N GLU A 164 36.80 14.53 0.14
CA GLU A 164 35.46 14.22 0.62
C GLU A 164 34.37 14.97 -0.16
N LEU A 165 34.50 16.29 -0.20
CA LEU A 165 33.49 17.13 -0.84
C LEU A 165 32.98 16.57 -2.16
N VAL A 166 33.89 16.19 -3.06
CA VAL A 166 33.48 15.67 -4.37
C VAL A 166 32.96 14.25 -4.27
N LYS A 167 33.50 13.46 -3.34
CA LYS A 167 32.95 12.15 -3.06
C LYS A 167 31.46 12.31 -2.73
N HIS A 168 31.18 13.05 -1.66
CA HIS A 168 29.82 13.34 -1.21
C HIS A 168 28.91 13.94 -2.29
N ILE A 169 29.42 14.87 -3.08
CA ILE A 169 28.62 15.47 -4.14
C ILE A 169 28.39 14.49 -5.28
N ALA A 170 29.32 13.54 -5.43
CA ALA A 170 29.17 12.48 -6.41
C ALA A 170 28.04 11.54 -5.96
N MET A 171 28.10 11.13 -4.69
CA MET A 171 27.03 10.37 -4.03
C MET A 171 25.67 11.05 -4.17
N HIS A 172 25.60 12.33 -3.78
CA HIS A 172 24.39 13.08 -3.95
C HIS A 172 23.89 13.04 -5.40
N VAL A 173 24.79 13.31 -6.36
CA VAL A 173 24.39 13.28 -7.78
C VAL A 173 23.80 11.92 -8.18
N ALA A 174 24.33 10.86 -7.58
CA ALA A 174 23.87 9.52 -7.86
C ALA A 174 22.48 9.25 -7.25
N ALA A 175 22.20 9.85 -6.09
CA ALA A 175 20.91 9.74 -5.43
C ALA A 175 19.84 10.65 -6.04
N SER A 176 20.21 11.87 -6.39
CA SER A 176 19.21 12.88 -6.76
C SER A 176 19.14 13.22 -8.25
N LYS A 177 20.05 12.63 -9.02
CA LYS A 177 20.17 12.88 -10.47
C LYS A 177 19.66 14.26 -10.95
N PRO A 178 20.45 15.31 -10.71
CA PRO A 178 20.15 16.66 -11.21
C PRO A 178 20.54 16.86 -12.69
N GLU A 179 19.60 17.37 -13.49
CA GLU A 179 19.83 17.62 -14.92
C GLU A 179 20.79 18.78 -15.19
N PHE A 180 21.03 19.61 -14.17
CA PHE A 180 21.84 20.81 -14.35
C PHE A 180 22.59 21.15 -13.08
N ILE A 181 23.71 21.87 -13.22
CA ILE A 181 24.49 22.26 -12.06
C ILE A 181 23.87 23.48 -11.35
N LYS A 182 23.46 24.48 -12.13
CA LYS A 182 22.91 25.71 -11.57
C LYS A 182 21.48 25.91 -12.05
N PRO A 183 20.62 26.51 -11.22
CA PRO A 183 19.23 26.75 -11.64
C PRO A 183 19.21 27.59 -12.91
N GLU A 184 20.25 28.41 -13.06
CA GLU A 184 20.34 29.38 -14.14
C GLU A 184 20.78 28.72 -15.46
N ASP A 185 21.27 27.49 -15.36
CA ASP A 185 21.68 26.72 -16.54
C ASP A 185 20.52 26.34 -17.45
N VAL A 186 19.42 25.89 -16.87
CA VAL A 186 18.29 25.40 -17.66
C VAL A 186 18.07 26.23 -18.92
N SER A 187 17.82 25.57 -20.04
CA SER A 187 17.68 26.29 -21.31
C SER A 187 16.78 27.51 -21.14
N ALA A 188 17.38 28.69 -21.29
CA ALA A 188 16.65 29.94 -21.10
C ALA A 188 15.52 30.09 -22.13
N GLU A 189 15.16 28.99 -22.80
CA GLU A 189 14.02 28.97 -23.70
C GLU A 189 13.26 27.62 -23.71
N VAL A 190 13.80 26.62 -23.01
CA VAL A 190 13.05 25.38 -22.74
C VAL A 190 11.96 25.72 -21.73
N VAL A 191 12.32 26.62 -20.82
CA VAL A 191 11.42 27.08 -19.78
C VAL A 191 10.50 28.15 -20.34
N GLU A 192 10.98 28.91 -21.33
CA GLU A 192 10.17 29.95 -21.96
C GLU A 192 8.85 29.41 -22.49
N LYS A 193 8.91 28.28 -23.20
CA LYS A 193 7.70 27.64 -23.73
C LYS A 193 6.84 27.12 -22.57
N GLU A 194 7.51 26.56 -21.56
CA GLU A 194 6.84 25.99 -20.39
C GLU A 194 6.06 27.04 -19.57
N TYR A 195 6.62 28.24 -19.45
CA TYR A 195 5.96 29.35 -18.76
C TYR A 195 4.84 29.94 -19.60
N GLN A 196 4.91 29.70 -20.91
CA GLN A 196 3.90 30.21 -21.82
C GLN A 196 2.69 29.29 -21.91
N VAL A 197 2.92 27.98 -21.79
CA VAL A 197 1.84 26.99 -21.72
C VAL A 197 1.11 27.02 -20.37
N GLN A 198 1.89 27.03 -19.28
CA GLN A 198 1.36 27.06 -17.91
C GLN A 198 0.61 28.36 -17.60
N LEU A 199 1.11 29.48 -18.13
CA LEU A 199 0.49 30.79 -17.93
C LEU A 199 -0.96 30.83 -18.43
N ASP A 200 -1.23 30.17 -19.55
CA ASP A 200 -2.62 30.02 -20.01
C ASP A 200 -3.39 29.07 -19.09
N ILE A 201 -2.92 27.83 -18.95
CA ILE A 201 -3.54 26.83 -18.06
C ILE A 201 -4.15 27.46 -16.80
N ALA A 202 -3.38 28.34 -16.18
CA ALA A 202 -3.80 29.04 -14.99
C ALA A 202 -4.74 30.21 -15.32
N MET A 203 -4.43 30.93 -16.41
CA MET A 203 -5.27 32.05 -16.83
C MET A 203 -6.68 31.54 -17.14
N GLN A 204 -6.77 30.27 -17.52
CA GLN A 204 -8.05 29.63 -17.84
C GLN A 204 -9.03 29.55 -16.65
N SER A 205 -8.52 29.19 -15.47
CA SER A 205 -9.33 29.16 -14.24
C SER A 205 -10.13 30.49 -14.13
N GLY A 206 -9.57 31.55 -14.70
CA GLY A 206 -10.21 32.85 -14.68
C GLY A 206 -9.46 33.82 -13.77
N LYS A 207 -8.30 33.38 -13.27
CA LYS A 207 -7.53 34.22 -12.38
C LYS A 207 -6.81 35.27 -13.21
N PRO A 208 -6.88 36.53 -12.77
CA PRO A 208 -6.31 37.73 -13.40
C PRO A 208 -4.84 37.61 -13.75
N LYS A 209 -4.42 38.35 -14.78
CA LYS A 209 -3.10 38.19 -15.38
C LYS A 209 -2.04 37.85 -14.34
N GLU A 210 -1.70 38.86 -13.55
CA GLU A 210 -0.59 38.78 -12.60
C GLU A 210 -0.77 37.75 -11.48
N ILE A 211 -1.92 37.07 -11.46
CA ILE A 211 -2.12 36.01 -10.47
C ILE A 211 -1.60 34.70 -11.02
N ALA A 212 -2.04 34.34 -12.21
CA ALA A 212 -1.51 33.15 -12.86
C ALA A 212 -0.02 33.38 -13.15
N GLU A 213 0.32 34.62 -13.46
CA GLU A 213 1.69 35.01 -13.73
C GLU A 213 2.58 34.70 -12.52
N LYS A 214 2.25 35.30 -11.39
CA LYS A 214 3.09 35.19 -10.20
C LYS A 214 3.12 33.75 -9.70
N MET A 215 2.02 33.04 -9.87
CA MET A 215 1.98 31.64 -9.44
C MET A 215 2.89 30.81 -10.34
N VAL A 216 2.71 30.95 -11.65
CA VAL A 216 3.49 30.22 -12.63
C VAL A 216 4.97 30.52 -12.45
N GLU A 217 5.26 31.77 -12.09
CA GLU A 217 6.64 32.16 -11.84
C GLU A 217 7.20 31.39 -10.66
N GLY A 218 6.70 31.70 -9.47
CA GLY A 218 7.12 31.02 -8.26
C GLY A 218 7.10 29.51 -8.41
N ARG A 219 6.15 29.01 -9.19
CA ARG A 219 6.13 27.60 -9.55
C ARG A 219 7.44 27.21 -10.19
N MET A 220 7.62 27.64 -11.43
CA MET A 220 8.82 27.40 -12.24
C MET A 220 10.14 27.77 -11.57
N LYS A 221 10.13 28.70 -10.62
CA LYS A 221 11.31 28.97 -9.83
C LYS A 221 11.66 27.75 -8.99
N LYS A 222 10.62 27.09 -8.50
CA LYS A 222 10.78 25.84 -7.76
C LYS A 222 11.15 24.69 -8.70
N PHE A 223 10.38 24.50 -9.77
CA PHE A 223 10.67 23.47 -10.75
C PHE A 223 12.17 23.38 -11.08
N THR A 224 12.80 24.53 -11.32
CA THR A 224 14.21 24.55 -11.71
C THR A 224 15.15 24.20 -10.57
N GLY A 225 14.93 24.79 -9.40
CA GLY A 225 15.81 24.56 -8.26
C GLY A 225 15.88 23.10 -7.87
N GLU A 226 14.82 22.36 -8.17
CA GLU A 226 14.70 20.95 -7.83
C GLU A 226 15.48 20.03 -8.77
N VAL A 227 15.42 20.33 -10.06
CA VAL A 227 16.16 19.57 -11.05
C VAL A 227 17.60 20.09 -11.22
N SER A 228 18.16 20.70 -10.17
CA SER A 228 19.46 21.34 -10.24
C SER A 228 20.29 21.11 -8.99
N LEU A 229 21.55 20.69 -9.18
CA LEU A 229 22.47 20.40 -8.09
C LEU A 229 22.41 21.47 -7.00
N THR A 230 22.65 22.72 -7.39
CA THR A 230 22.61 23.90 -6.51
C THR A 230 21.38 23.93 -5.59
N GLY A 231 20.19 23.81 -6.18
CA GLY A 231 18.95 23.94 -5.42
C GLY A 231 18.34 22.63 -4.95
N GLN A 232 19.16 21.60 -4.78
CA GLN A 232 18.73 20.34 -4.19
C GLN A 232 19.23 20.28 -2.76
N PRO A 233 18.33 20.01 -1.81
CA PRO A 233 18.71 19.71 -0.43
C PRO A 233 19.78 18.63 -0.39
N PHE A 234 20.93 18.96 0.19
CA PHE A 234 22.08 18.05 0.22
C PHE A 234 21.64 16.74 0.81
N VAL A 235 21.99 15.66 0.12
CA VAL A 235 21.58 14.32 0.56
C VAL A 235 22.11 13.92 1.94
N MET A 236 23.31 14.37 2.32
CA MET A 236 23.90 13.96 3.61
C MET A 236 23.59 14.96 4.73
N GLU A 237 22.83 15.99 4.38
CA GLU A 237 22.14 16.84 5.34
C GLU A 237 21.16 17.72 4.58
N PRO A 238 19.94 17.19 4.35
CA PRO A 238 18.93 17.77 3.47
C PRO A 238 18.33 19.07 4.00
N SER A 239 18.78 19.52 5.18
CA SER A 239 18.30 20.79 5.72
C SER A 239 18.95 21.98 5.02
N LYS A 240 20.11 21.77 4.41
CA LYS A 240 20.71 22.78 3.53
C LYS A 240 20.86 22.21 2.13
N THR A 241 20.82 23.06 1.11
CA THR A 241 21.03 22.58 -0.26
C THR A 241 22.52 22.47 -0.60
N VAL A 242 22.82 21.67 -1.63
CA VAL A 242 24.16 21.60 -2.17
C VAL A 242 24.65 23.01 -2.48
N GLY A 243 23.78 23.82 -3.09
CA GLY A 243 24.06 25.22 -3.30
C GLY A 243 24.75 25.85 -2.10
N GLN A 244 24.12 25.76 -0.93
CA GLN A 244 24.72 26.26 0.31
C GLN A 244 25.98 25.48 0.71
N LEU A 245 25.99 24.17 0.48
CA LEU A 245 27.12 23.34 0.84
C LEU A 245 28.43 23.79 0.19
N LEU A 246 28.34 24.06 -1.12
CA LEU A 246 29.47 24.60 -1.87
C LEU A 246 29.95 25.91 -1.25
N LYS A 247 29.06 26.89 -1.15
CA LYS A 247 29.40 28.22 -0.65
C LYS A 247 30.12 28.26 0.71
N GLU A 248 29.99 27.21 1.52
CA GLU A 248 30.69 27.11 2.81
C GLU A 248 32.08 26.49 2.70
N HIS A 249 32.43 26.01 1.51
CA HIS A 249 33.75 25.45 1.27
C HIS A 249 34.42 26.21 0.14
N ASN A 250 33.88 27.40 -0.15
CA ASN A 250 34.38 28.26 -1.21
C ASN A 250 34.53 27.51 -2.53
N ALA A 251 33.72 26.46 -2.72
CA ALA A 251 33.86 25.56 -3.87
C ALA A 251 32.80 25.75 -4.96
N GLU A 252 32.98 25.02 -6.06
CA GLU A 252 32.13 25.13 -7.24
C GLU A 252 32.25 23.85 -8.07
N VAL A 253 31.21 23.51 -8.83
CA VAL A 253 31.27 22.34 -9.70
C VAL A 253 31.34 22.72 -11.17
N THR A 254 32.45 22.36 -11.80
CA THR A 254 32.68 22.59 -13.23
C THR A 254 31.66 21.80 -14.05
N GLY A 255 31.16 20.74 -13.44
CA GLY A 255 30.20 19.85 -14.08
C GLY A 255 30.18 18.47 -13.43
N PHE A 256 29.33 17.59 -13.97
CA PHE A 256 29.16 16.24 -13.48
C PHE A 256 28.61 15.37 -14.59
N ILE A 257 28.85 14.06 -14.52
CA ILE A 257 28.18 13.12 -15.40
C ILE A 257 27.69 11.98 -14.53
N ARG A 258 26.46 11.52 -14.79
CA ARG A 258 25.98 10.27 -14.19
C ARG A 258 25.22 9.41 -15.19
N PHE A 259 25.78 8.24 -15.45
CA PHE A 259 25.09 7.23 -16.24
C PHE A 259 24.39 6.27 -15.30
N GLU A 260 23.27 5.72 -15.77
CA GLU A 260 22.64 4.59 -15.09
C GLU A 260 22.39 3.47 -16.09
N VAL A 261 22.79 2.25 -15.72
CA VAL A 261 22.66 1.10 -16.60
C VAL A 261 21.27 1.01 -17.18
N GLY A 262 21.18 1.01 -18.50
CA GLY A 262 19.94 0.72 -19.20
C GLY A 262 18.99 1.89 -19.28
N GLU A 263 19.46 3.08 -18.88
CA GLU A 263 18.71 4.32 -19.05
C GLU A 263 18.27 4.52 -20.51
N GLY A 264 17.02 4.92 -20.69
CA GLY A 264 16.56 5.29 -22.02
C GLY A 264 16.19 4.12 -22.90
N ILE A 265 16.73 2.95 -22.59
CA ILE A 265 16.21 1.73 -23.19
C ILE A 265 14.75 1.66 -22.73
N GLU A 266 14.02 0.65 -23.19
CA GLU A 266 12.65 0.44 -22.72
C GLU A 266 12.53 -0.93 -22.05
N LYS A 267 13.09 -1.93 -22.71
CA LYS A 267 13.09 -3.29 -22.17
C LYS A 267 11.68 -3.81 -21.92
N VAL A 268 10.97 -4.13 -23.00
CA VAL A 268 9.63 -4.68 -22.93
C VAL A 268 9.48 -5.68 -21.77
N GLU A 269 8.39 -5.57 -21.02
CA GLU A 269 8.17 -6.38 -19.83
C GLU A 269 7.95 -7.86 -20.14
N THR A 270 8.39 -8.73 -19.24
CA THR A 270 8.25 -10.16 -19.40
C THR A 270 7.28 -10.77 -18.38
N ASP A 271 6.17 -11.31 -18.88
CA ASP A 271 5.17 -11.95 -18.04
C ASP A 271 5.25 -13.48 -18.16
N PHE A 272 6.08 -14.10 -17.31
CA PHE A 272 6.35 -15.52 -17.39
C PHE A 272 5.11 -16.42 -17.32
N ALA A 273 4.20 -16.09 -16.41
CA ALA A 273 3.01 -16.91 -16.19
C ALA A 273 2.17 -17.07 -17.47
N ALA A 274 1.99 -15.99 -18.20
CA ALA A 274 1.22 -16.01 -19.45
C ALA A 274 2.13 -16.42 -20.61
N GLU A 275 3.42 -16.42 -20.35
CA GLU A 275 4.41 -16.82 -21.34
C GLU A 275 4.17 -18.25 -21.77
N VAL A 276 3.86 -19.09 -20.79
CA VAL A 276 3.70 -20.52 -21.02
C VAL A 276 2.31 -20.78 -21.57
N ALA A 277 1.34 -19.99 -21.14
CA ALA A 277 -0.02 -20.13 -21.66
C ALA A 277 0.02 -20.16 -23.19
N ALA A 278 0.73 -19.19 -23.77
CA ALA A 278 0.86 -19.07 -25.21
C ALA A 278 1.80 -20.11 -25.81
N MET A 279 2.85 -20.45 -25.07
CA MET A 279 3.78 -21.50 -25.47
C MET A 279 3.04 -22.83 -25.58
N SER A 280 2.13 -23.04 -24.63
CA SER A 280 1.31 -24.24 -24.58
C SER A 280 0.12 -24.11 -25.53
N LYS A 281 -0.17 -22.87 -25.95
CA LYS A 281 -1.29 -22.58 -26.85
C LYS A 281 -1.28 -23.50 -28.06
N GLN A 282 -0.20 -23.46 -28.83
CA GLN A 282 -0.06 -24.29 -30.02
C GLN A 282 -0.31 -25.75 -29.69
N SER A 283 -0.03 -26.13 -28.44
CA SER A 283 -0.14 -27.52 -28.01
C SER A 283 -1.45 -27.77 -27.25
N HIS A 284 -2.15 -26.69 -26.89
CA HIS A 284 -3.44 -26.79 -26.22
C HIS A 284 -4.46 -27.51 -27.12
N MET A 285 -4.25 -27.41 -28.43
CA MET A 285 -5.18 -27.95 -29.42
C MET A 285 -4.97 -29.45 -29.66
N SER A 286 -3.70 -29.86 -29.77
CA SER A 286 -3.30 -31.22 -30.16
C SER A 286 -3.13 -31.32 -31.67
N PHE A 290 -10.56 -36.26 2.52
CA PHE A 290 -10.28 -35.31 1.44
C PHE A 290 -8.79 -35.26 1.07
N GLU A 291 -8.50 -35.05 -0.21
CA GLU A 291 -7.12 -34.93 -0.71
C GLU A 291 -6.83 -33.55 -1.29
N ARG A 292 -7.54 -32.53 -0.78
CA ARG A 292 -7.28 -31.15 -1.16
C ARG A 292 -6.25 -30.57 -0.19
N THR A 293 -5.36 -31.44 0.29
CA THR A 293 -4.40 -31.10 1.33
C THR A 293 -2.99 -31.54 0.95
N LYS A 294 -2.68 -31.52 -0.33
CA LYS A 294 -1.36 -31.93 -0.79
C LYS A 294 -0.29 -30.90 -0.44
N PRO A 295 0.94 -31.36 -0.17
CA PRO A 295 2.01 -30.42 0.12
C PRO A 295 2.27 -29.52 -1.08
N HIS A 296 2.42 -28.23 -0.83
CA HIS A 296 2.80 -27.27 -1.85
C HIS A 296 4.31 -27.14 -1.86
N VAL A 297 4.92 -27.28 -3.04
CA VAL A 297 6.37 -27.17 -3.19
C VAL A 297 6.74 -26.06 -4.17
N ASN A 298 7.71 -25.24 -3.78
CA ASN A 298 8.14 -24.16 -4.65
C ASN A 298 9.43 -24.43 -5.38
N VAL A 299 9.34 -24.41 -6.71
CA VAL A 299 10.51 -24.59 -7.55
C VAL A 299 10.65 -23.38 -8.44
N GLY A 300 11.83 -23.21 -8.99
CA GLY A 300 12.08 -22.16 -9.95
C GLY A 300 13.01 -22.67 -11.03
N THR A 301 12.84 -22.14 -12.23
CA THR A 301 13.74 -22.43 -13.34
C THR A 301 14.80 -21.32 -13.43
N ILE A 302 16.03 -21.70 -13.73
CA ILE A 302 17.16 -20.79 -13.77
C ILE A 302 18.15 -21.30 -14.82
N GLY A 303 18.61 -20.42 -15.69
CA GLY A 303 19.54 -20.81 -16.73
C GLY A 303 19.72 -19.73 -17.78
N HIS A 304 20.44 -20.04 -18.85
CA HIS A 304 20.78 -19.04 -19.85
C HIS A 304 19.62 -18.57 -20.74
N VAL A 305 19.63 -17.28 -21.08
CA VAL A 305 18.50 -16.59 -21.70
C VAL A 305 17.47 -17.49 -22.41
N ASP A 306 17.91 -18.27 -23.37
CA ASP A 306 17.01 -19.26 -23.94
C ASP A 306 17.75 -20.54 -24.31
N HIS A 307 18.22 -21.22 -23.26
CA HIS A 307 18.64 -22.60 -23.37
C HIS A 307 17.39 -23.46 -23.30
N GLY A 308 16.25 -22.83 -22.99
CA GLY A 308 14.98 -23.51 -23.10
C GLY A 308 14.07 -23.54 -21.89
N LYS A 309 14.46 -22.90 -20.79
CA LYS A 309 13.56 -22.81 -19.64
C LYS A 309 12.36 -22.07 -20.16
N THR A 310 12.65 -21.19 -21.12
CA THR A 310 11.66 -20.53 -21.94
C THR A 310 10.49 -21.49 -22.22
N THR A 311 10.82 -22.68 -22.76
CA THR A 311 9.82 -23.66 -23.22
C THR A 311 9.66 -24.88 -22.31
N LEU A 312 10.66 -25.16 -21.49
CA LEU A 312 10.64 -26.35 -20.63
C LEU A 312 9.54 -26.34 -19.58
N THR A 313 9.16 -25.14 -19.15
CA THR A 313 8.10 -25.02 -18.17
C THR A 313 6.77 -25.30 -18.86
N ALA A 314 6.70 -24.95 -20.14
CA ALA A 314 5.57 -25.33 -20.97
C ALA A 314 5.48 -26.86 -20.96
N ALA A 315 6.50 -27.49 -21.54
CA ALA A 315 6.58 -28.95 -21.57
C ALA A 315 6.19 -29.63 -20.25
N ILE A 316 6.62 -29.08 -19.12
CA ILE A 316 6.25 -29.69 -17.85
C ILE A 316 4.74 -29.58 -17.64
N THR A 317 4.15 -28.49 -18.07
CA THR A 317 2.74 -28.26 -17.85
C THR A 317 1.91 -29.21 -18.71
N THR A 318 2.15 -29.19 -20.02
CA THR A 318 1.42 -30.07 -20.91
C THR A 318 1.60 -31.51 -20.44
N VAL A 319 2.82 -32.02 -20.54
CA VAL A 319 3.13 -33.42 -20.24
C VAL A 319 2.60 -33.90 -18.89
N LEU A 320 2.66 -33.04 -17.88
CA LEU A 320 2.11 -33.36 -16.55
C LEU A 320 0.59 -33.40 -16.57
N ALA A 321 -0.01 -32.53 -17.38
CA ALA A 321 -1.46 -32.51 -17.54
C ALA A 321 -1.91 -33.73 -18.33
N LYS A 322 -1.48 -33.80 -19.58
CA LYS A 322 -1.72 -34.95 -20.47
C LYS A 322 -1.72 -36.28 -19.72
N THR A 323 -0.79 -36.43 -18.77
CA THR A 323 -0.60 -37.69 -18.05
C THR A 323 -1.43 -37.82 -16.78
N TYR A 324 -1.32 -36.86 -15.87
CA TYR A 324 -2.01 -36.95 -14.58
C TYR A 324 -3.25 -36.07 -14.54
N GLY A 325 -3.43 -35.37 -13.42
CA GLY A 325 -4.52 -34.42 -13.27
C GLY A 325 -4.33 -33.20 -14.15
N GLY A 326 -4.91 -32.07 -13.75
CA GLY A 326 -4.85 -30.86 -14.55
C GLY A 326 -4.20 -29.68 -13.88
N ASN A 348 1.34 -16.52 -5.12
CA ASN A 348 0.95 -15.58 -6.18
C ASN A 348 2.17 -14.92 -6.86
N THR A 349 1.89 -13.89 -7.68
CA THR A 349 2.91 -13.12 -8.41
C THR A 349 3.46 -13.85 -9.66
N SER A 350 2.62 -13.94 -10.70
CA SER A 350 2.96 -14.53 -12.00
C SER A 350 3.78 -15.82 -11.91
N HIS A 351 3.09 -16.91 -11.61
CA HIS A 351 3.74 -18.20 -11.42
C HIS A 351 2.95 -19.32 -12.08
N VAL A 352 3.61 -20.07 -12.94
CA VAL A 352 3.05 -21.32 -13.43
C VAL A 352 2.89 -22.28 -12.25
N GLU A 353 1.90 -23.15 -12.32
CA GLU A 353 1.86 -24.25 -11.37
C GLU A 353 1.28 -25.52 -11.98
N TYR A 354 1.82 -26.65 -11.54
CA TYR A 354 1.42 -27.95 -12.06
C TYR A 354 1.36 -28.99 -10.96
N ASP A 355 0.78 -30.15 -11.28
CA ASP A 355 0.50 -31.15 -10.27
C ASP A 355 1.12 -32.53 -10.50
N THR A 356 1.37 -33.23 -9.40
CA THR A 356 1.89 -34.58 -9.41
C THR A 356 0.93 -35.47 -8.62
N PRO A 357 0.77 -36.73 -9.03
CA PRO A 357 -0.05 -37.66 -8.27
C PRO A 357 0.09 -37.49 -6.76
N THR A 358 1.22 -36.99 -6.29
CA THR A 358 1.45 -36.85 -4.85
C THR A 358 1.65 -35.40 -4.35
N ARG A 359 2.10 -34.49 -5.21
CA ARG A 359 2.40 -33.13 -4.76
C ARG A 359 1.83 -32.03 -5.63
N HIS A 360 1.87 -30.80 -5.11
CA HIS A 360 1.51 -29.64 -5.90
C HIS A 360 2.67 -28.65 -6.01
N TYR A 361 2.93 -28.17 -7.22
CA TYR A 361 4.10 -27.32 -7.46
C TYR A 361 3.75 -25.93 -7.99
N ALA A 362 4.38 -24.91 -7.41
CA ALA A 362 4.40 -23.58 -7.98
C ALA A 362 5.79 -23.28 -8.54
N HIS A 363 5.83 -22.66 -9.71
CA HIS A 363 7.08 -22.51 -10.43
C HIS A 363 7.31 -21.07 -10.85
N VAL A 364 8.47 -20.53 -10.49
CA VAL A 364 8.84 -19.17 -10.87
C VAL A 364 10.11 -19.15 -11.73
N ASP A 365 10.24 -18.16 -12.60
CA ASP A 365 11.46 -18.00 -13.39
C ASP A 365 12.40 -17.06 -12.62
N CYS A 366 13.69 -17.34 -12.65
CA CYS A 366 14.69 -16.42 -12.09
C CYS A 366 15.41 -15.63 -13.20
N PRO A 367 14.74 -14.59 -13.74
CA PRO A 367 15.26 -13.84 -14.89
C PRO A 367 16.43 -12.94 -14.49
N GLY A 368 16.55 -12.66 -13.19
CA GLY A 368 17.60 -11.78 -12.72
C GLY A 368 18.00 -12.05 -11.29
N HIS A 369 19.26 -11.82 -10.99
CA HIS A 369 19.83 -12.08 -9.68
C HIS A 369 19.22 -11.16 -8.62
N ALA A 370 19.33 -9.85 -8.83
CA ALA A 370 18.77 -8.89 -7.90
C ALA A 370 17.24 -8.98 -7.88
N ASP A 371 16.64 -9.21 -9.04
CA ASP A 371 15.21 -9.38 -9.06
C ASP A 371 14.81 -10.52 -8.14
N TYR A 372 15.59 -11.61 -8.13
CA TYR A 372 15.23 -12.75 -7.29
C TYR A 372 15.52 -12.53 -5.81
N VAL A 373 16.74 -12.15 -5.49
CA VAL A 373 17.09 -11.88 -4.10
C VAL A 373 16.04 -11.02 -3.44
N LYS A 374 15.54 -10.04 -4.19
CA LYS A 374 14.47 -9.16 -3.72
C LYS A 374 13.29 -10.01 -3.27
N ASN A 375 12.73 -10.77 -4.20
CA ASN A 375 11.56 -11.59 -3.90
C ASN A 375 11.78 -12.64 -2.79
N MET A 376 13.01 -13.09 -2.60
CA MET A 376 13.28 -14.05 -1.55
C MET A 376 13.26 -13.39 -0.17
N ILE A 377 13.81 -12.18 -0.08
CA ILE A 377 13.79 -11.39 1.16
C ILE A 377 12.36 -10.95 1.42
N THR A 378 11.79 -10.31 0.42
CA THR A 378 10.47 -9.71 0.55
C THR A 378 9.47 -10.80 0.84
N GLY A 379 9.87 -12.05 0.59
CA GLY A 379 9.00 -13.19 0.86
C GLY A 379 7.98 -13.47 -0.24
N ALA A 380 8.23 -12.94 -1.43
CA ALA A 380 7.34 -13.13 -2.55
C ALA A 380 7.70 -14.36 -3.40
N ALA A 381 8.73 -15.09 -2.99
CA ALA A 381 9.20 -16.26 -3.74
C ALA A 381 10.26 -17.07 -3.00
N GLN A 382 9.81 -17.92 -2.08
CA GLN A 382 10.69 -18.83 -1.34
C GLN A 382 10.83 -20.14 -2.11
N MET A 383 12.05 -20.47 -2.48
CA MET A 383 12.30 -21.63 -3.31
C MET A 383 12.66 -22.85 -2.46
N ASP A 384 11.97 -23.95 -2.69
CA ASP A 384 12.28 -25.21 -2.00
C ASP A 384 13.30 -25.99 -2.82
N GLY A 385 13.43 -25.62 -4.08
CA GLY A 385 14.36 -26.25 -4.97
C GLY A 385 14.40 -25.57 -6.33
N ALA A 386 15.59 -25.40 -6.88
CA ALA A 386 15.73 -24.86 -8.21
C ALA A 386 15.83 -26.00 -9.19
N ILE A 387 15.46 -25.74 -10.45
CA ILE A 387 15.83 -26.62 -11.53
C ILE A 387 16.70 -25.81 -12.50
N LEU A 388 17.96 -26.22 -12.65
CA LEU A 388 18.90 -25.49 -13.50
C LEU A 388 18.88 -26.03 -14.92
N VAL A 389 18.38 -25.22 -15.85
CA VAL A 389 18.27 -25.62 -17.24
C VAL A 389 19.51 -25.22 -18.04
N VAL A 390 20.19 -26.22 -18.59
CA VAL A 390 21.29 -25.97 -19.51
C VAL A 390 21.11 -26.80 -20.78
N ALA A 391 21.12 -26.15 -21.93
CA ALA A 391 21.03 -26.85 -23.21
C ALA A 391 22.37 -27.50 -23.53
N ALA A 392 22.34 -28.79 -23.87
CA ALA A 392 23.56 -29.53 -24.21
C ALA A 392 24.12 -29.12 -25.59
N THR A 393 23.26 -28.55 -26.42
CA THR A 393 23.68 -27.95 -27.69
C THR A 393 24.84 -26.98 -27.47
N ASP A 394 24.84 -26.33 -26.31
CA ASP A 394 25.89 -25.39 -25.94
C ASP A 394 26.73 -25.91 -24.78
N GLY A 395 26.10 -26.65 -23.87
CA GLY A 395 26.71 -27.01 -22.60
C GLY A 395 26.66 -25.85 -21.62
N PRO A 396 27.30 -26.02 -20.44
CA PRO A 396 27.29 -24.89 -19.50
C PRO A 396 27.89 -23.67 -20.16
N MET A 397 27.50 -22.47 -19.72
CA MET A 397 28.08 -21.25 -20.24
C MET A 397 28.88 -20.54 -19.15
N PRO A 398 29.59 -19.46 -19.51
CA PRO A 398 30.33 -18.71 -18.48
C PRO A 398 29.43 -18.30 -17.29
N GLN A 399 28.26 -17.75 -17.61
CA GLN A 399 27.34 -17.19 -16.61
C GLN A 399 26.57 -18.23 -15.82
N THR A 400 26.77 -19.50 -16.15
CA THR A 400 26.12 -20.58 -15.40
C THR A 400 26.76 -20.68 -14.02
N ARG A 401 27.99 -20.22 -13.94
CA ARG A 401 28.68 -20.02 -12.68
C ARG A 401 27.86 -19.09 -11.78
N GLU A 402 27.38 -18.00 -12.38
CA GLU A 402 26.58 -17.00 -11.68
C GLU A 402 25.16 -17.50 -11.35
N HIS A 403 24.60 -18.37 -12.17
CA HIS A 403 23.29 -18.97 -11.89
C HIS A 403 23.37 -19.83 -10.64
N ILE A 404 24.40 -20.66 -10.56
CA ILE A 404 24.58 -21.57 -9.42
C ILE A 404 24.94 -20.75 -8.20
N LEU A 405 25.60 -19.63 -8.46
CA LEU A 405 26.04 -18.74 -7.40
C LEU A 405 24.84 -18.06 -6.72
N LEU A 406 23.87 -17.63 -7.52
CA LEU A 406 22.65 -17.06 -6.98
C LEU A 406 22.01 -18.09 -6.05
N GLY A 407 21.97 -19.35 -6.49
CA GLY A 407 21.40 -20.42 -5.69
C GLY A 407 22.13 -20.56 -4.37
N ARG A 408 23.45 -20.47 -4.42
CA ARG A 408 24.26 -20.58 -3.23
C ARG A 408 23.88 -19.45 -2.28
N GLN A 409 23.81 -18.23 -2.83
CA GLN A 409 23.59 -17.02 -2.03
C GLN A 409 22.21 -16.92 -1.44
N VAL A 410 21.21 -17.45 -2.14
CA VAL A 410 19.83 -17.40 -1.66
C VAL A 410 19.46 -18.63 -0.83
N GLY A 411 20.36 -19.62 -0.80
CA GLY A 411 20.21 -20.75 0.07
C GLY A 411 19.18 -21.77 -0.37
N VAL A 412 18.86 -21.78 -1.66
CA VAL A 412 18.01 -22.84 -2.19
C VAL A 412 18.65 -24.17 -1.78
N PRO A 413 17.88 -24.99 -1.07
CA PRO A 413 18.40 -26.25 -0.52
C PRO A 413 18.88 -27.26 -1.56
N TYR A 414 18.13 -27.42 -2.65
CA TYR A 414 18.44 -28.43 -3.66
C TYR A 414 18.38 -27.89 -5.07
N ILE A 415 19.27 -28.39 -5.93
CA ILE A 415 19.25 -28.03 -7.34
C ILE A 415 19.21 -29.29 -8.22
N ILE A 416 18.18 -29.36 -9.06
CA ILE A 416 18.02 -30.42 -10.04
C ILE A 416 18.43 -29.87 -11.40
N VAL A 417 19.01 -30.71 -12.25
CA VAL A 417 19.45 -30.23 -13.56
C VAL A 417 18.73 -30.89 -14.74
N PHE A 418 18.20 -30.04 -15.62
CA PHE A 418 17.62 -30.53 -16.88
C PHE A 418 18.54 -30.18 -18.03
N LEU A 419 19.07 -31.20 -18.69
CA LEU A 419 19.80 -31.01 -19.94
C LEU A 419 18.79 -30.92 -21.08
N ASN A 420 18.74 -29.77 -21.74
CA ASN A 420 17.74 -29.54 -22.76
C ASN A 420 18.31 -29.59 -24.17
N LYS A 421 17.42 -29.77 -25.15
CA LYS A 421 17.81 -29.78 -26.55
C LYS A 421 18.83 -30.87 -26.82
N CYS A 422 18.47 -32.11 -26.47
CA CYS A 422 19.33 -33.26 -26.70
C CYS A 422 19.10 -33.89 -28.08
N ASP A 423 17.93 -33.60 -28.66
CA ASP A 423 17.59 -34.04 -30.01
C ASP A 423 18.65 -33.57 -31.00
N MET A 424 19.32 -32.47 -30.66
CA MET A 424 20.37 -31.91 -31.50
C MET A 424 21.75 -32.31 -30.99
N VAL A 425 21.85 -33.49 -30.37
CA VAL A 425 23.15 -34.02 -30.00
C VAL A 425 23.26 -35.50 -30.38
N ASP A 426 23.58 -35.75 -31.64
CA ASP A 426 23.72 -37.12 -32.14
C ASP A 426 25.10 -37.68 -31.79
N ASP A 427 25.35 -37.80 -30.49
CA ASP A 427 26.52 -38.49 -29.97
C ASP A 427 26.45 -38.49 -28.46
N GLU A 428 25.96 -39.59 -27.89
CA GLU A 428 25.77 -39.69 -26.45
C GLU A 428 27.07 -39.48 -25.69
N GLU A 429 28.20 -39.88 -26.27
CA GLU A 429 29.48 -39.73 -25.60
C GLU A 429 29.67 -38.27 -25.18
N LEU A 430 29.03 -37.38 -25.94
CA LEU A 430 29.15 -35.93 -25.76
C LEU A 430 28.25 -35.41 -24.63
N LEU A 431 27.05 -35.98 -24.52
CA LEU A 431 26.18 -35.63 -23.41
C LEU A 431 26.91 -35.88 -22.09
N GLU A 432 27.60 -37.01 -21.99
CA GLU A 432 28.32 -37.36 -20.78
C GLU A 432 29.42 -36.35 -20.49
N LEU A 433 29.83 -35.65 -21.53
CA LEU A 433 30.85 -34.60 -21.42
C LEU A 433 30.29 -33.36 -20.71
N VAL A 434 29.17 -32.86 -21.22
CA VAL A 434 28.47 -31.72 -20.63
C VAL A 434 27.93 -32.04 -19.25
N GLU A 435 27.28 -33.19 -19.10
CA GLU A 435 26.81 -33.62 -17.79
C GLU A 435 27.94 -33.59 -16.77
N MET A 436 29.16 -33.87 -17.21
CA MET A 436 30.28 -33.89 -16.30
C MET A 436 30.72 -32.48 -15.90
N GLU A 437 30.66 -31.54 -16.84
CA GLU A 437 31.00 -30.15 -16.55
C GLU A 437 30.08 -29.56 -15.48
N VAL A 438 28.77 -29.67 -15.71
CA VAL A 438 27.78 -29.15 -14.78
C VAL A 438 27.96 -29.75 -13.38
N ARG A 439 28.21 -31.06 -13.33
CA ARG A 439 28.49 -31.71 -12.06
C ARG A 439 29.70 -31.08 -11.36
N GLU A 440 30.57 -30.42 -12.13
CA GLU A 440 31.77 -29.83 -11.55
C GLU A 440 31.57 -28.39 -11.09
N LEU A 441 30.95 -27.56 -11.92
CA LEU A 441 30.53 -26.22 -11.49
C LEU A 441 29.65 -26.32 -10.24
N LEU A 442 28.68 -27.23 -10.27
CA LEU A 442 27.84 -27.48 -9.10
C LEU A 442 28.67 -27.60 -7.83
N SER A 443 29.66 -28.50 -7.86
CA SER A 443 30.46 -28.81 -6.67
C SER A 443 31.40 -27.68 -6.26
N GLN A 444 31.88 -26.92 -7.23
CA GLN A 444 32.64 -25.72 -6.93
C GLN A 444 31.89 -24.83 -5.95
N TYR A 445 30.56 -24.86 -6.02
CA TYR A 445 29.74 -24.05 -5.13
C TYR A 445 29.10 -24.86 -4.02
N ASP A 446 29.81 -25.89 -3.55
CA ASP A 446 29.42 -26.65 -2.36
C ASP A 446 28.05 -27.32 -2.49
N PHE A 447 27.56 -27.44 -3.72
CA PHE A 447 26.40 -28.29 -3.96
C PHE A 447 26.92 -29.71 -4.20
N PRO A 448 26.07 -30.72 -3.96
CA PRO A 448 26.44 -32.13 -4.17
C PRO A 448 26.43 -32.56 -5.65
N GLY A 449 27.39 -32.05 -6.42
CA GLY A 449 27.47 -32.25 -7.85
C GLY A 449 27.52 -33.70 -8.34
N ASP A 450 28.07 -34.58 -7.51
CA ASP A 450 28.19 -35.99 -7.86
C ASP A 450 26.83 -36.67 -7.73
N ASP A 451 26.04 -36.23 -6.76
CA ASP A 451 24.79 -36.93 -6.45
C ASP A 451 23.50 -36.28 -7.00
N THR A 452 23.63 -35.16 -7.73
CA THR A 452 22.47 -34.41 -8.19
C THR A 452 21.82 -35.02 -9.44
N PRO A 453 20.48 -35.18 -9.40
CA PRO A 453 19.75 -35.72 -10.54
C PRO A 453 19.92 -34.88 -11.78
N ILE A 454 20.29 -35.53 -12.88
CA ILE A 454 20.43 -34.85 -14.15
C ILE A 454 19.64 -35.56 -15.23
N VAL A 455 18.57 -34.92 -15.69
CA VAL A 455 17.72 -35.49 -16.73
C VAL A 455 18.24 -35.09 -18.11
N ARG A 456 18.38 -36.08 -19.01
CA ARG A 456 18.79 -35.78 -20.39
C ARG A 456 17.60 -35.82 -21.31
N GLY A 457 17.15 -34.66 -21.79
CA GLY A 457 15.93 -34.63 -22.57
C GLY A 457 15.80 -33.46 -23.53
N SER A 458 14.56 -33.19 -23.95
CA SER A 458 14.27 -32.03 -24.78
C SER A 458 12.82 -31.61 -24.60
N ALA A 459 12.63 -30.33 -24.28
CA ALA A 459 11.28 -29.79 -24.14
C ALA A 459 10.75 -29.49 -25.52
N LEU A 460 11.68 -29.13 -26.41
CA LEU A 460 11.38 -28.85 -27.80
C LEU A 460 10.41 -29.90 -28.36
N LYS A 461 10.75 -31.18 -28.18
CA LYS A 461 9.96 -32.28 -28.74
C LYS A 461 9.10 -33.04 -27.72
N ALA A 462 8.79 -32.40 -26.60
CA ALA A 462 7.96 -33.04 -25.59
C ALA A 462 6.58 -32.42 -25.57
N LEU A 463 6.50 -31.11 -25.76
CA LEU A 463 5.22 -30.42 -25.84
C LEU A 463 4.52 -30.78 -27.15
N GLU A 464 5.30 -31.26 -28.11
CA GLU A 464 4.76 -31.65 -29.40
C GLU A 464 4.56 -33.16 -29.51
N GLY A 465 4.29 -33.79 -28.36
CA GLY A 465 3.96 -35.21 -28.33
C GLY A 465 5.01 -36.10 -28.98
N ASP A 466 5.87 -36.68 -28.15
CA ASP A 466 6.91 -37.58 -28.61
C ASP A 466 7.28 -38.49 -27.44
N ALA A 467 6.55 -39.58 -27.28
CA ALA A 467 6.67 -40.49 -26.12
C ALA A 467 8.11 -40.71 -25.63
N GLU A 468 9.05 -40.70 -26.56
CA GLU A 468 10.47 -40.81 -26.24
C GLU A 468 10.89 -39.68 -25.29
N TRP A 469 10.95 -38.46 -25.81
CA TRP A 469 11.37 -37.30 -25.02
C TRP A 469 10.28 -36.87 -24.05
N GLU A 470 9.10 -37.48 -24.17
CA GLU A 470 7.93 -37.09 -23.39
C GLU A 470 8.04 -37.58 -21.96
N ALA A 471 8.53 -38.82 -21.79
CA ALA A 471 8.66 -39.43 -20.48
C ALA A 471 9.86 -38.89 -19.72
N LYS A 472 10.75 -38.20 -20.44
CA LYS A 472 11.88 -37.53 -19.82
C LYS A 472 11.40 -36.41 -18.90
N ILE A 473 10.34 -35.71 -19.32
CA ILE A 473 9.68 -34.75 -18.45
C ILE A 473 9.07 -35.48 -17.25
N LEU A 474 8.51 -36.65 -17.48
CA LEU A 474 8.02 -37.47 -16.38
C LEU A 474 9.17 -37.84 -15.43
N GLU A 475 10.34 -38.11 -16.00
CA GLU A 475 11.54 -38.43 -15.24
C GLU A 475 11.91 -37.25 -14.32
N LEU A 476 11.92 -36.04 -14.86
CA LEU A 476 12.21 -34.84 -14.09
C LEU A 476 11.18 -34.57 -12.99
N ALA A 477 9.90 -34.61 -13.34
CA ALA A 477 8.85 -34.43 -12.34
C ALA A 477 9.03 -35.42 -11.21
N GLY A 478 9.39 -36.65 -11.57
CA GLY A 478 9.63 -37.68 -10.59
C GLY A 478 10.71 -37.28 -9.61
N PHE A 479 11.64 -36.45 -10.07
CA PHE A 479 12.74 -35.96 -9.24
C PHE A 479 12.35 -34.75 -8.38
N LEU A 480 11.30 -34.03 -8.76
CA LEU A 480 10.73 -33.01 -7.88
C LEU A 480 10.06 -33.73 -6.72
N ASP A 481 9.38 -34.84 -7.03
CA ASP A 481 8.71 -35.64 -6.03
C ASP A 481 9.71 -36.36 -5.13
N SER A 482 10.86 -36.71 -5.72
CA SER A 482 11.80 -37.61 -5.07
C SER A 482 12.94 -36.89 -4.35
N TYR A 483 13.58 -35.94 -5.04
CA TYR A 483 14.81 -35.30 -4.56
C TYR A 483 14.58 -34.06 -3.69
N ILE A 484 13.60 -33.22 -4.09
CA ILE A 484 13.17 -32.10 -3.25
C ILE A 484 12.30 -32.65 -2.13
N PRO A 485 12.83 -32.66 -0.91
CA PRO A 485 12.08 -33.27 0.20
C PRO A 485 10.82 -32.48 0.53
N GLU A 486 9.83 -33.17 1.09
CA GLU A 486 8.55 -32.57 1.48
C GLU A 486 8.75 -31.49 2.55
N PRO A 487 8.23 -30.28 2.31
CA PRO A 487 8.40 -29.15 3.22
C PRO A 487 7.65 -29.37 4.54
N GLU A 488 8.38 -29.29 5.65
CA GLU A 488 7.82 -29.54 6.97
C GLU A 488 6.53 -28.76 7.22
N ARG A 489 5.45 -29.49 7.47
CA ARG A 489 4.15 -28.90 7.74
C ARG A 489 4.18 -28.06 9.03
N ALA A 490 3.55 -26.88 9.01
CA ALA A 490 3.56 -25.97 10.17
C ALA A 490 3.14 -26.67 11.46
N ILE A 491 2.11 -27.50 11.32
CA ILE A 491 1.58 -28.29 12.42
C ILE A 491 2.61 -29.27 12.98
N ASP A 492 3.71 -29.48 12.25
CA ASP A 492 4.74 -30.44 12.65
C ASP A 492 5.91 -29.82 13.40
N LYS A 493 5.97 -28.49 13.42
CA LYS A 493 7.09 -27.82 14.06
C LYS A 493 6.77 -27.55 15.54
N PRO A 494 7.82 -27.34 16.35
CA PRO A 494 7.60 -27.02 17.77
C PRO A 494 6.71 -25.80 17.96
N PHE A 495 5.87 -25.89 18.97
CA PHE A 495 4.85 -24.90 19.23
C PHE A 495 5.38 -23.48 19.44
N LEU A 496 4.62 -22.52 18.98
CA LEU A 496 4.97 -21.11 19.10
C LEU A 496 3.77 -20.18 18.84
N LEU A 497 3.52 -19.27 19.78
CA LEU A 497 2.46 -18.27 19.61
C LEU A 497 2.97 -16.86 19.90
N PRO A 498 3.04 -16.02 18.86
CA PRO A 498 3.45 -14.63 19.12
C PRO A 498 2.40 -13.98 19.99
N ILE A 499 2.82 -13.37 21.09
CA ILE A 499 1.84 -12.80 22.00
C ILE A 499 1.43 -11.40 21.59
N GLU A 500 0.13 -11.24 21.37
CA GLU A 500 -0.47 -9.96 21.02
C GLU A 500 -0.99 -9.18 22.22
N ASP A 501 -1.60 -9.87 23.18
CA ASP A 501 -2.13 -9.20 24.37
C ASP A 501 -2.16 -10.11 25.60
N VAL A 502 -2.14 -9.48 26.76
CA VAL A 502 -2.10 -10.21 28.03
C VAL A 502 -3.24 -9.73 28.91
N PHE A 503 -3.96 -10.67 29.52
CA PHE A 503 -5.12 -10.35 30.37
C PHE A 503 -5.11 -11.03 31.75
N SER A 504 -5.41 -10.24 32.78
CA SER A 504 -5.69 -10.73 34.14
C SER A 504 -7.19 -10.93 34.31
N ILE A 505 -7.60 -12.18 34.46
CA ILE A 505 -9.02 -12.48 34.59
C ILE A 505 -9.35 -13.14 35.93
N SER A 506 -9.91 -12.34 36.85
CA SER A 506 -10.37 -12.84 38.15
C SER A 506 -10.88 -14.27 38.06
N GLY A 507 -10.26 -15.17 38.81
CA GLY A 507 -10.71 -16.56 38.85
C GLY A 507 -10.10 -17.47 37.78
N ARG A 508 -10.12 -17.04 36.53
CA ARG A 508 -9.48 -17.79 35.47
C ARG A 508 -7.96 -17.77 35.69
N GLY A 509 -7.41 -16.56 35.77
CA GLY A 509 -5.97 -16.33 35.82
C GLY A 509 -5.47 -15.51 34.63
N THR A 510 -4.17 -15.51 34.40
CA THR A 510 -3.61 -14.73 33.29
C THR A 510 -3.61 -15.51 31.97
N VAL A 511 -4.09 -14.84 30.92
CA VAL A 511 -4.30 -15.49 29.62
C VAL A 511 -3.63 -14.63 28.55
N VAL A 512 -2.93 -15.26 27.60
CA VAL A 512 -2.39 -14.52 26.46
C VAL A 512 -3.18 -14.88 25.24
N THR A 513 -3.27 -13.95 24.31
CA THR A 513 -3.97 -14.22 23.07
C THR A 513 -3.07 -13.97 21.88
N GLY A 514 -3.35 -14.67 20.79
CA GLY A 514 -2.58 -14.55 19.57
C GLY A 514 -3.01 -15.63 18.60
N ARG A 515 -2.27 -15.77 17.51
CA ARG A 515 -2.50 -16.87 16.59
C ARG A 515 -1.37 -17.86 16.73
N VAL A 516 -1.68 -19.12 17.03
CA VAL A 516 -0.66 -20.15 17.08
C VAL A 516 0.08 -20.25 15.73
N GLU A 517 1.36 -19.91 15.74
CA GLU A 517 2.15 -19.85 14.50
C GLU A 517 2.50 -21.25 13.97
N ARG A 518 2.82 -22.16 14.89
CA ARG A 518 3.20 -23.52 14.48
C ARG A 518 3.08 -24.52 15.61
N GLY A 519 2.80 -25.76 15.26
CA GLY A 519 2.66 -26.83 16.23
C GLY A 519 1.31 -26.87 16.93
N ILE A 520 1.19 -27.74 17.92
CA ILE A 520 0.01 -27.80 18.79
C ILE A 520 0.37 -27.45 20.22
N ILE A 521 -0.56 -26.81 20.93
CA ILE A 521 -0.46 -26.68 22.38
C ILE A 521 -1.65 -27.34 23.05
N LYS A 522 -1.36 -28.27 23.95
CA LYS A 522 -2.40 -28.97 24.68
C LYS A 522 -2.38 -28.48 26.11
N VAL A 523 -3.55 -28.40 26.71
CA VAL A 523 -3.63 -27.99 28.11
C VAL A 523 -2.81 -28.96 28.96
N GLY A 524 -2.14 -28.44 29.98
CA GLY A 524 -1.25 -29.25 30.80
C GLY A 524 0.21 -29.12 30.43
N GLU A 525 0.48 -29.16 29.13
CA GLU A 525 1.84 -29.02 28.65
C GLU A 525 2.50 -27.78 29.23
N GLU A 526 3.82 -27.86 29.39
CA GLU A 526 4.60 -26.76 29.92
C GLU A 526 5.08 -25.89 28.77
N VAL A 527 5.11 -24.57 29.01
CA VAL A 527 5.47 -23.63 27.96
C VAL A 527 6.49 -22.61 28.45
N GLU A 528 7.21 -22.03 27.50
CA GLU A 528 8.18 -21.00 27.82
C GLU A 528 7.69 -19.67 27.26
N ILE A 529 7.94 -18.58 27.98
CA ILE A 529 7.58 -17.25 27.49
C ILE A 529 8.85 -16.40 27.31
N VAL A 530 9.21 -16.19 26.05
CA VAL A 530 10.53 -15.68 25.69
C VAL A 530 10.49 -14.47 24.75
N GLY A 531 11.39 -13.52 24.99
CA GLY A 531 11.40 -12.32 24.20
C GLY A 531 12.12 -11.14 24.82
N ILE A 532 11.36 -10.21 25.39
CA ILE A 532 11.90 -8.89 25.70
C ILE A 532 12.71 -8.86 27.01
N LYS A 533 12.38 -9.77 27.91
CA LYS A 533 12.98 -9.79 29.24
C LYS A 533 13.48 -11.19 29.55
N GLU A 534 14.03 -11.40 30.74
CA GLU A 534 14.46 -12.72 31.14
C GLU A 534 13.40 -13.75 30.74
N THR A 535 13.82 -14.81 30.08
CA THR A 535 12.85 -15.82 29.68
C THR A 535 12.26 -16.47 30.92
N GLN A 536 10.97 -16.77 30.90
CA GLN A 536 10.28 -17.35 32.06
C GLN A 536 9.58 -18.61 31.63
N LYS A 537 9.14 -19.41 32.59
CA LYS A 537 8.34 -20.58 32.26
C LYS A 537 7.02 -20.60 33.00
N SER A 538 6.10 -21.43 32.51
CA SER A 538 4.76 -21.55 33.06
C SER A 538 4.11 -22.79 32.49
N THR A 539 2.79 -22.90 32.62
CA THR A 539 2.12 -24.12 32.19
C THR A 539 0.67 -23.87 31.74
N CYS A 540 0.34 -24.42 30.59
CA CYS A 540 -0.92 -24.15 29.93
C CYS A 540 -2.13 -24.72 30.67
N THR A 541 -2.82 -23.86 31.41
CA THR A 541 -4.07 -24.20 32.08
C THR A 541 -5.22 -24.54 31.12
N GLY A 542 -5.32 -23.80 30.02
CA GLY A 542 -6.41 -24.00 29.06
C GLY A 542 -6.27 -23.28 27.73
N VAL A 543 -7.19 -23.60 26.82
CA VAL A 543 -7.24 -23.00 25.49
C VAL A 543 -8.69 -22.75 25.10
N GLU A 544 -9.01 -21.52 24.70
CA GLU A 544 -10.39 -21.18 24.33
C GLU A 544 -10.52 -20.19 23.17
N MET A 545 -11.64 -20.31 22.48
CA MET A 545 -12.03 -19.34 21.48
C MET A 545 -13.27 -18.65 22.01
N PHE A 546 -13.97 -17.91 21.16
CA PHE A 546 -15.15 -17.21 21.64
C PHE A 546 -16.26 -18.21 21.87
N ARG A 547 -16.51 -19.06 20.86
CA ARG A 547 -17.55 -20.06 20.96
C ARG A 547 -17.16 -21.21 21.90
N LYS A 548 -16.15 -21.97 21.53
CA LYS A 548 -15.82 -23.17 22.30
C LYS A 548 -14.69 -22.99 23.31
N LEU A 549 -14.65 -23.89 24.28
CA LEU A 549 -13.46 -24.07 25.08
C LEU A 549 -12.77 -25.33 24.53
N LEU A 550 -11.46 -25.45 24.71
CA LEU A 550 -10.66 -26.35 23.88
C LEU A 550 -9.60 -27.13 24.63
N ASP A 551 -9.26 -28.30 24.10
CA ASP A 551 -8.21 -29.15 24.68
C ASP A 551 -6.85 -28.74 24.16
N GLU A 552 -6.80 -28.45 22.87
CA GLU A 552 -5.57 -28.02 22.21
C GLU A 552 -5.80 -26.83 21.30
N GLY A 553 -4.74 -26.05 21.08
CA GLY A 553 -4.71 -25.06 20.03
C GLY A 553 -3.77 -25.55 18.96
N ARG A 554 -4.21 -25.57 17.71
CA ARG A 554 -3.38 -26.07 16.60
C ARG A 554 -2.98 -24.97 15.62
N ALA A 555 -1.83 -25.13 14.99
CA ALA A 555 -1.31 -24.20 13.97
C ALA A 555 -2.38 -23.50 13.12
N GLY A 556 -2.31 -22.17 13.06
CA GLY A 556 -3.19 -21.37 12.23
C GLY A 556 -4.47 -20.97 12.94
N GLU A 557 -4.51 -21.21 14.24
CA GLU A 557 -5.72 -20.95 15.01
C GLU A 557 -5.57 -19.73 15.91
N ASN A 558 -6.64 -18.95 16.01
CA ASN A 558 -6.67 -17.83 16.94
C ASN A 558 -7.29 -18.26 18.25
N VAL A 559 -6.53 -18.10 19.33
CA VAL A 559 -6.93 -18.60 20.63
C VAL A 559 -6.43 -17.67 21.73
N GLY A 560 -6.97 -17.86 22.92
CA GLY A 560 -6.35 -17.35 24.13
C GLY A 560 -5.80 -18.57 24.83
N VAL A 561 -4.62 -18.44 25.43
CA VAL A 561 -4.03 -19.52 26.23
C VAL A 561 -3.82 -19.08 27.68
N LEU A 562 -4.40 -19.86 28.61
CA LEU A 562 -4.27 -19.58 30.03
C LEU A 562 -2.98 -20.17 30.60
N LEU A 563 -2.33 -19.40 31.47
CA LEU A 563 -1.07 -19.80 32.07
C LEU A 563 -1.19 -19.92 33.58
N ARG A 564 -0.26 -20.67 34.19
CA ARG A 564 -0.22 -20.84 35.65
C ARG A 564 0.89 -20.01 36.32
N GLY A 565 0.52 -19.24 37.35
CA GLY A 565 1.50 -18.55 38.16
C GLY A 565 1.85 -17.15 37.72
N ILE A 566 2.34 -17.05 36.49
CA ILE A 566 2.71 -15.77 35.86
C ILE A 566 1.70 -14.64 36.10
N LYS A 567 2.20 -13.41 36.24
CA LYS A 567 1.35 -12.23 36.36
C LYS A 567 1.24 -11.44 35.03
N ARG A 568 0.10 -10.78 34.82
CA ARG A 568 -0.09 -9.96 33.62
C ARG A 568 1.04 -8.98 33.37
N GLU A 569 1.64 -8.46 34.44
CA GLU A 569 2.73 -7.52 34.27
C GLU A 569 4.08 -8.21 34.02
N GLU A 570 4.07 -9.54 34.04
CA GLU A 570 5.28 -10.34 33.77
C GLU A 570 5.38 -10.70 32.30
N ILE A 571 4.26 -10.60 31.59
CA ILE A 571 4.21 -10.85 30.15
C ILE A 571 4.11 -9.53 29.37
N GLU A 572 4.49 -9.57 28.10
CA GLU A 572 4.56 -8.36 27.28
C GLU A 572 4.24 -8.73 25.82
N ARG A 573 3.52 -7.84 25.13
CA ARG A 573 3.32 -8.02 23.70
C ARG A 573 4.71 -8.00 23.06
N GLY A 574 4.95 -8.92 22.14
CA GLY A 574 6.22 -8.97 21.45
C GLY A 574 6.97 -10.21 21.83
N GLN A 575 6.68 -10.72 23.02
CA GLN A 575 7.23 -11.98 23.47
C GLN A 575 6.52 -13.07 22.70
N VAL A 576 7.05 -14.29 22.77
CA VAL A 576 6.32 -15.42 22.21
C VAL A 576 6.16 -16.48 23.27
N LEU A 577 5.41 -17.51 22.93
CA LEU A 577 5.11 -18.59 23.85
C LEU A 577 5.47 -19.87 23.12
N ALA A 578 6.56 -20.51 23.51
CA ALA A 578 7.04 -21.68 22.77
C ALA A 578 7.22 -22.90 23.66
N LYS A 579 7.17 -24.08 23.04
CA LYS A 579 7.60 -25.32 23.69
C LYS A 579 9.01 -25.05 24.18
N PRO A 580 9.26 -25.28 25.48
CA PRO A 580 10.51 -24.85 26.12
C PRO A 580 11.77 -25.30 25.38
N GLY A 581 12.75 -24.41 25.29
CA GLY A 581 14.01 -24.66 24.61
C GLY A 581 13.94 -24.48 23.10
N THR A 582 12.73 -24.64 22.58
CA THR A 582 12.43 -24.55 21.15
C THR A 582 13.04 -23.33 20.43
N ILE A 583 13.04 -22.18 21.10
CA ILE A 583 13.52 -20.93 20.50
C ILE A 583 14.16 -20.00 21.55
N LYS A 584 15.23 -19.30 21.19
CA LYS A 584 15.96 -18.46 22.15
C LYS A 584 15.91 -16.98 21.80
N PRO A 585 16.23 -16.11 22.76
CA PRO A 585 16.23 -14.66 22.55
C PRO A 585 17.58 -14.12 22.12
N HIS A 586 17.60 -13.34 21.04
CA HIS A 586 18.85 -12.76 20.55
C HIS A 586 18.70 -11.26 20.25
N THR A 587 19.83 -10.59 20.15
CA THR A 587 19.88 -9.13 19.99
C THR A 587 20.64 -8.72 18.73
N LYS A 588 21.55 -9.57 18.27
CA LYS A 588 22.41 -9.22 17.14
C LYS A 588 22.33 -10.30 16.08
N PHE A 589 22.36 -9.90 14.82
CA PHE A 589 22.20 -10.84 13.71
C PHE A 589 22.52 -10.20 12.37
N GLU A 590 22.90 -11.07 11.42
CA GLU A 590 23.09 -10.65 10.03
C GLU A 590 21.80 -10.86 9.26
N SER A 591 21.47 -9.93 8.38
CA SER A 591 20.28 -10.11 7.57
C SER A 591 20.47 -9.74 6.11
N GLU A 592 19.49 -10.16 5.33
CA GLU A 592 19.32 -9.71 3.98
C GLU A 592 18.08 -8.84 4.01
N VAL A 593 18.23 -7.55 3.73
CA VAL A 593 17.04 -6.73 3.68
C VAL A 593 16.87 -6.13 2.31
N TYR A 594 15.63 -5.81 1.96
CA TYR A 594 15.34 -5.04 0.79
C TYR A 594 14.78 -3.69 1.26
N ILE A 595 15.30 -2.59 0.76
CA ILE A 595 14.71 -1.29 1.06
C ILE A 595 13.74 -0.87 -0.02
N LEU A 596 12.47 -0.67 0.35
CA LEU A 596 11.45 -0.25 -0.63
C LEU A 596 11.84 1.01 -1.42
N SER A 597 11.36 1.10 -2.64
CA SER A 597 11.59 2.31 -3.45
C SER A 597 10.56 3.37 -3.13
N LYS A 598 10.71 4.55 -3.72
CA LYS A 598 9.72 5.60 -3.58
C LYS A 598 8.38 5.09 -4.10
N ASP A 599 8.43 4.50 -5.29
CA ASP A 599 7.23 4.06 -6.00
C ASP A 599 6.57 2.87 -5.32
N GLU A 600 7.11 2.47 -4.18
CA GLU A 600 6.57 1.31 -3.43
C GLU A 600 6.19 1.76 -2.02
N GLY A 601 6.06 3.06 -1.84
CA GLY A 601 5.63 3.61 -0.56
C GLY A 601 6.73 3.68 0.48
N GLY A 602 7.98 3.63 0.02
CA GLY A 602 9.14 3.61 0.90
C GLY A 602 9.81 4.96 0.96
N ARG A 603 11.01 4.98 1.55
CA ARG A 603 11.85 6.17 1.63
C ARG A 603 11.96 6.75 0.25
N HIS A 604 12.18 8.07 0.18
CA HIS A 604 12.44 8.70 -1.12
C HIS A 604 13.84 9.31 -1.10
N THR A 605 14.52 9.17 0.03
CA THR A 605 15.88 9.66 0.21
C THR A 605 16.80 8.55 0.77
N PRO A 606 18.08 8.53 0.34
CA PRO A 606 19.01 7.49 0.81
C PRO A 606 19.33 7.61 2.28
N PHE A 607 19.73 6.52 2.92
CA PHE A 607 20.32 6.63 4.26
C PHE A 607 21.82 6.28 4.24
N PHE A 608 22.50 6.46 5.38
CA PHE A 608 23.95 6.23 5.45
C PHE A 608 24.34 5.42 6.67
N LYS A 609 25.58 5.60 7.12
CA LYS A 609 26.15 4.73 8.15
C LYS A 609 25.26 4.46 9.35
N GLY A 610 24.74 5.51 9.98
CA GLY A 610 24.04 5.35 11.25
C GLY A 610 22.53 5.34 11.17
N TYR A 611 21.99 4.61 10.19
CA TYR A 611 20.55 4.46 10.05
C TYR A 611 19.99 3.87 11.33
N ARG A 612 18.94 4.49 11.86
CA ARG A 612 18.34 4.01 13.10
C ARG A 612 16.82 3.91 13.08
N PRO A 613 16.30 2.83 12.47
CA PRO A 613 14.85 2.64 12.32
C PRO A 613 14.27 1.67 13.36
N GLN A 614 13.02 1.30 13.16
CA GLN A 614 12.36 0.31 14.02
C GLN A 614 12.29 -1.03 13.31
N PHE A 615 12.59 -2.09 14.03
CA PHE A 615 12.50 -3.42 13.45
C PHE A 615 11.31 -4.16 14.02
N TYR A 616 10.38 -4.50 13.13
CA TYR A 616 9.09 -5.04 13.53
C TYR A 616 9.08 -6.53 13.35
N PHE A 617 8.96 -7.26 14.45
CA PHE A 617 9.16 -8.71 14.38
C PHE A 617 7.96 -9.63 14.14
N ARG A 618 7.28 -10.09 15.18
CA ARG A 618 6.08 -10.86 14.90
C ARG A 618 4.90 -9.93 15.09
N THR A 619 5.06 -9.02 16.04
CA THR A 619 3.92 -8.30 16.56
C THR A 619 4.30 -6.99 17.24
N THR A 620 5.60 -6.68 17.30
CA THR A 620 6.05 -5.45 17.93
C THR A 620 7.28 -4.82 17.25
N ASP A 621 7.39 -3.50 17.37
CA ASP A 621 8.53 -2.75 16.88
C ASP A 621 9.62 -2.88 17.92
N VAL A 622 10.86 -2.82 17.47
CA VAL A 622 11.96 -2.68 18.40
C VAL A 622 13.11 -1.97 17.73
N THR A 623 13.81 -1.14 18.51
CA THR A 623 14.84 -0.28 17.98
C THR A 623 16.16 -1.03 17.78
N GLY A 624 16.98 -0.54 16.87
CA GLY A 624 18.24 -1.18 16.61
C GLY A 624 19.12 -0.42 15.66
N THR A 625 20.42 -0.53 15.88
CA THR A 625 21.42 0.05 15.02
C THR A 625 21.92 -1.00 14.02
N ILE A 626 22.42 -0.54 12.87
CA ILE A 626 22.98 -1.45 11.88
C ILE A 626 24.40 -1.10 11.48
N GLU A 627 25.10 -2.09 10.94
CA GLU A 627 26.36 -1.83 10.25
C GLU A 627 26.31 -2.32 8.81
N LEU A 628 26.61 -1.44 7.86
CA LEU A 628 26.69 -1.82 6.46
C LEU A 628 27.95 -2.67 6.22
N PRO A 629 27.99 -3.40 5.10
CA PRO A 629 29.25 -4.09 4.79
C PRO A 629 30.37 -3.12 4.39
N GLU A 630 31.61 -3.60 4.44
CA GLU A 630 32.75 -2.80 3.98
C GLU A 630 32.60 -2.39 2.53
N GLY A 631 32.67 -1.08 2.28
CA GLY A 631 32.68 -0.56 0.93
C GLY A 631 31.34 -0.06 0.45
N VAL A 632 30.36 -0.02 1.35
CA VAL A 632 29.09 0.64 1.04
C VAL A 632 28.81 1.69 2.10
N GLU A 633 28.53 2.90 1.64
CA GLU A 633 28.38 4.03 2.55
C GLU A 633 27.01 4.69 2.42
N MET A 634 26.24 4.25 1.43
CA MET A 634 24.94 4.84 1.15
C MET A 634 23.99 3.81 0.55
N VAL A 635 22.78 3.72 1.11
CA VAL A 635 21.73 2.87 0.57
C VAL A 635 20.59 3.72 0.03
N MET A 636 20.19 3.44 -1.19
CA MET A 636 19.09 4.15 -1.83
C MET A 636 17.84 3.28 -1.84
N PRO A 637 16.66 3.92 -1.91
CA PRO A 637 15.43 3.15 -2.04
C PRO A 637 15.59 2.16 -3.17
N GLY A 638 15.14 0.93 -3.02
CA GLY A 638 15.27 -0.06 -4.09
C GLY A 638 16.46 -0.99 -3.92
N ASP A 639 17.37 -0.66 -3.02
CA ASP A 639 18.58 -1.46 -2.76
C ASP A 639 18.37 -2.80 -1.99
N ASN A 640 19.23 -3.79 -2.31
CA ASN A 640 19.21 -5.12 -1.70
C ASN A 640 20.30 -5.33 -0.68
N ILE A 641 20.67 -4.28 0.02
CA ILE A 641 21.67 -4.34 1.09
C ILE A 641 21.68 -5.60 1.99
N LYS A 642 22.85 -5.91 2.52
CA LYS A 642 23.00 -6.91 3.57
C LYS A 642 23.49 -6.14 4.80
N MET A 643 22.95 -6.41 5.98
CA MET A 643 23.33 -5.62 7.15
C MET A 643 23.33 -6.38 8.48
N VAL A 644 24.21 -5.96 9.39
CA VAL A 644 24.25 -6.56 10.72
C VAL A 644 23.49 -5.68 11.70
N VAL A 645 22.44 -6.25 12.26
CA VAL A 645 21.49 -5.49 13.05
C VAL A 645 21.65 -5.86 14.49
N THR A 646 21.89 -4.86 15.32
CA THR A 646 21.92 -5.10 16.76
C THR A 646 20.77 -4.32 17.45
N LEU A 647 19.98 -5.05 18.22
CA LEU A 647 18.73 -4.53 18.78
C LEU A 647 18.91 -3.93 20.16
N ILE A 648 17.95 -3.13 20.59
CA ILE A 648 18.04 -2.45 21.87
C ILE A 648 17.70 -3.40 23.01
N HIS A 649 17.08 -4.52 22.68
CA HIS A 649 16.92 -5.62 23.64
C HIS A 649 16.45 -6.92 22.96
N PRO A 650 16.63 -8.07 23.65
CA PRO A 650 16.43 -9.39 23.08
C PRO A 650 15.06 -9.56 22.49
N ILE A 651 14.93 -10.54 21.60
CA ILE A 651 13.63 -10.96 21.10
C ILE A 651 13.82 -12.32 20.43
N ALA A 652 12.86 -13.22 20.62
CA ALA A 652 12.99 -14.61 20.19
C ALA A 652 13.13 -14.74 18.67
N MET A 653 14.22 -15.35 18.22
CA MET A 653 14.42 -15.48 16.78
C MET A 653 15.07 -16.77 16.34
N ASP A 654 14.38 -17.43 15.42
CA ASP A 654 14.86 -18.60 14.72
C ASP A 654 15.73 -18.11 13.58
N ASP A 655 16.18 -19.03 12.73
CA ASP A 655 16.90 -18.67 11.53
C ASP A 655 15.87 -18.56 10.41
N GLY A 656 15.95 -17.49 9.63
CA GLY A 656 15.00 -17.29 8.54
C GLY A 656 13.72 -16.55 8.93
N LEU A 657 13.77 -15.88 10.07
CA LEU A 657 12.65 -15.08 10.53
C LEU A 657 12.56 -13.78 9.73
N ARG A 658 11.36 -13.46 9.23
CA ARG A 658 11.14 -12.22 8.51
C ARG A 658 10.79 -11.05 9.42
N PHE A 659 11.26 -9.85 9.07
CA PHE A 659 10.87 -8.65 9.79
C PHE A 659 10.62 -7.50 8.83
N ALA A 660 9.93 -6.48 9.31
CA ALA A 660 9.73 -5.27 8.53
C ALA A 660 10.61 -4.17 9.08
N ILE A 661 11.04 -3.26 8.22
CA ILE A 661 11.78 -2.08 8.67
C ILE A 661 10.84 -0.90 8.62
N ARG A 662 10.75 -0.16 9.72
CA ARG A 662 9.72 0.86 9.85
C ARG A 662 10.23 2.18 10.35
N GLU A 663 9.58 3.24 9.88
CA GLU A 663 9.79 4.57 10.42
C GLU A 663 8.46 5.16 10.87
N GLY A 664 8.18 5.02 12.17
CA GLY A 664 6.97 5.54 12.77
C GLY A 664 5.68 5.11 12.09
N GLY A 665 5.52 3.81 11.84
CA GLY A 665 4.28 3.36 11.24
C GLY A 665 4.29 3.10 9.74
N ARG A 666 5.25 3.70 9.03
CA ARG A 666 5.47 3.39 7.61
C ARG A 666 6.46 2.22 7.43
N THR A 667 6.13 1.26 6.59
CA THR A 667 7.10 0.22 6.27
C THR A 667 8.01 0.69 5.16
N VAL A 668 9.32 0.65 5.39
CA VAL A 668 10.26 1.10 4.38
C VAL A 668 11.24 0.00 4.01
N GLY A 669 11.02 -1.21 4.51
CA GLY A 669 11.91 -2.31 4.22
C GLY A 669 11.48 -3.64 4.78
N ALA A 670 11.90 -4.70 4.11
CA ALA A 670 11.65 -6.07 4.58
C ALA A 670 13.01 -6.73 4.73
N GLY A 671 13.10 -7.68 5.65
CA GLY A 671 14.36 -8.37 5.88
C GLY A 671 14.13 -9.79 6.36
N VAL A 672 15.10 -10.67 6.16
CA VAL A 672 15.06 -11.97 6.82
C VAL A 672 16.36 -12.16 7.58
N VAL A 673 16.31 -12.84 8.72
CA VAL A 673 17.53 -13.06 9.49
C VAL A 673 18.38 -14.18 8.89
N ALA A 674 19.69 -13.97 8.82
CA ALA A 674 20.61 -14.94 8.24
C ALA A 674 21.27 -15.81 9.30
N LYS A 675 22.36 -15.31 9.83
CA LYS A 675 23.06 -15.96 10.94
C LYS A 675 22.75 -15.14 12.16
N VAL A 676 22.28 -15.79 13.22
CA VAL A 676 22.13 -15.06 14.47
C VAL A 676 23.49 -14.98 15.15
N LEU A 677 23.89 -13.77 15.47
CA LEU A 677 25.22 -13.50 16.01
C LEU A 677 25.27 -13.64 17.53
N SER A 678 26.40 -13.22 18.11
CA SER A 678 26.73 -13.54 19.48
C SER A 678 26.36 -12.44 20.49
N GLY A 679 26.29 -11.20 20.02
CA GLY A 679 25.93 -10.09 20.88
C GLY A 679 27.10 -9.62 21.74
N ALA A 680 26.95 -8.46 22.37
CA ALA A 680 28.01 -7.91 23.21
C ALA A 680 27.51 -7.59 24.62
N SER A 700 19.50 12.38 18.19
CA SER A 700 19.18 13.02 19.46
C SER A 700 17.92 13.91 19.40
N SER A 701 17.03 13.80 20.39
CA SER A 701 15.84 14.66 20.49
C SER A 701 16.02 15.79 21.54
N ARG A 702 15.10 16.76 21.51
CA ARG A 702 15.22 17.98 22.33
C ARG A 702 14.13 18.17 23.40
N ASN A 703 14.56 18.21 24.66
CA ASN A 703 13.64 18.24 25.81
C ASN A 703 13.17 19.66 26.25
N SER A 704 14.04 20.66 26.17
CA SER A 704 13.64 22.03 26.43
C SER A 704 12.87 22.53 25.22
N LEU A 705 13.34 22.11 24.04
CA LEU A 705 12.66 22.45 22.81
C LEU A 705 11.22 21.96 22.92
N SER A 706 11.05 20.68 23.21
CA SER A 706 9.69 20.18 23.32
C SER A 706 8.91 20.97 24.40
N ALA A 707 9.59 21.34 25.48
CA ALA A 707 9.00 22.10 26.58
C ALA A 707 8.55 23.51 26.17
N GLN A 708 9.43 24.19 25.44
CA GLN A 708 9.11 25.48 24.85
C GLN A 708 7.89 25.39 23.94
N LEU A 709 7.81 24.30 23.18
CA LEU A 709 6.73 24.14 22.22
C LEU A 709 5.41 23.85 22.94
N ARG A 710 5.50 23.07 24.01
CA ARG A 710 4.31 22.71 24.79
C ARG A 710 3.67 23.92 25.50
N ARG A 711 4.51 24.79 26.04
CA ARG A 711 4.07 25.96 26.76
C ARG A 711 3.39 26.85 25.73
N ALA A 712 4.06 27.00 24.57
CA ALA A 712 3.48 27.69 23.42
C ALA A 712 2.12 27.12 23.00
N ALA A 713 2.03 25.80 22.94
CA ALA A 713 0.80 25.11 22.54
C ALA A 713 -0.35 25.31 23.53
N ASN A 714 -0.01 25.48 24.80
CA ASN A 714 -1.04 25.55 25.85
C ASN A 714 -1.40 26.99 26.19
N THR A 715 -0.98 27.87 25.33
CA THR A 715 -1.21 29.26 25.45
C THR A 715 -2.56 29.57 24.74
N ARG A 716 -3.07 30.77 24.89
CA ARG A 716 -4.29 31.08 24.17
C ARG A 716 -4.09 32.26 23.29
N ILE A 717 -4.44 32.10 22.02
CA ILE A 717 -4.34 33.25 21.14
C ILE A 717 -5.45 34.19 21.59
N GLU A 718 -5.08 35.44 21.78
CA GLU A 718 -5.98 36.38 22.43
C GLU A 718 -6.24 37.50 21.48
N VAL A 719 -7.50 37.71 21.15
CA VAL A 719 -7.86 38.70 20.15
C VAL A 719 -9.13 39.45 20.55
N GLU A 720 -9.33 40.61 19.94
CA GLU A 720 -10.58 41.36 20.09
C GLU A 720 -11.58 40.84 19.07
N GLY A 721 -12.73 40.40 19.53
CA GLY A 721 -13.85 40.13 18.63
C GLY A 721 -13.98 38.71 18.10
N ASN A 722 -14.61 38.58 16.94
CA ASN A 722 -14.78 37.30 16.29
C ASN A 722 -13.65 37.16 15.29
N LEU A 723 -12.68 36.32 15.68
CA LEU A 723 -11.45 36.24 14.93
C LEU A 723 -11.74 35.48 13.63
N ALA A 724 -12.52 34.41 13.72
CA ALA A 724 -12.95 33.69 12.52
C ALA A 724 -13.51 34.69 11.48
N LEU A 725 -14.47 35.49 11.91
CA LEU A 725 -15.09 36.49 11.04
C LEU A 725 -14.05 37.48 10.49
N SER A 726 -13.09 37.88 11.31
CA SER A 726 -12.07 38.81 10.85
C SER A 726 -11.27 38.20 9.73
N ILE A 727 -10.98 36.91 9.88
CA ILE A 727 -10.24 36.19 8.86
C ILE A 727 -11.10 36.08 7.60
N ALA A 728 -12.31 35.58 7.74
CA ALA A 728 -13.19 35.44 6.58
C ALA A 728 -13.28 36.76 5.86
N ASN A 729 -13.45 37.85 6.60
CA ASN A 729 -13.61 39.17 5.97
C ASN A 729 -12.35 39.68 5.27
N ASP A 730 -11.19 39.45 5.88
CA ASP A 730 -9.95 39.91 5.28
C ASP A 730 -9.72 39.16 3.98
N LEU A 731 -10.14 37.90 3.95
CA LEU A 731 -10.01 37.05 2.76
C LEU A 731 -10.94 37.54 1.63
N LEU A 732 -12.22 37.77 1.98
CA LEU A 732 -13.17 38.37 1.05
C LEU A 732 -12.63 39.66 0.42
N LEU A 733 -12.01 40.51 1.24
CA LEU A 733 -11.34 41.72 0.79
C LEU A 733 -10.16 41.45 -0.16
N ALA A 734 -9.27 40.52 0.21
CA ALA A 734 -8.11 40.24 -0.63
C ALA A 734 -8.52 39.66 -1.97
N TYR A 735 -9.76 39.20 -2.09
CA TYR A 735 -10.22 38.67 -3.37
C TYR A 735 -11.17 39.63 -4.07
N GLY A 736 -11.33 40.82 -3.49
CA GLY A 736 -12.13 41.85 -4.12
C GLY A 736 -13.62 41.76 -3.93
N GLN A 737 -14.09 40.99 -2.95
CA GLN A 737 -15.52 40.89 -2.71
C GLN A 737 -15.83 41.64 -1.45
N SER A 738 -17.09 42.00 -1.27
CA SER A 738 -17.49 42.72 -0.07
C SER A 738 -17.44 41.81 1.15
N PRO A 739 -17.02 42.36 2.29
CA PRO A 739 -17.03 41.55 3.51
C PRO A 739 -18.44 41.34 4.03
N PHE A 740 -18.56 40.60 5.12
CA PHE A 740 -19.82 40.34 5.78
C PHE A 740 -20.16 41.51 6.68
N ASN A 741 -21.19 42.25 6.30
CA ASN A 741 -21.74 43.35 7.08
C ASN A 741 -21.84 43.01 8.57
N SER A 742 -22.46 41.86 8.86
CA SER A 742 -22.71 41.45 10.24
C SER A 742 -22.58 39.93 10.40
N GLU A 743 -22.60 39.45 11.63
CA GLU A 743 -22.71 38.00 11.87
C GLU A 743 -23.88 37.40 11.08
N ALA A 744 -24.90 38.21 10.78
CA ALA A 744 -26.11 37.70 10.16
C ALA A 744 -25.92 37.38 8.70
N GLU A 745 -25.10 38.17 8.01
CA GLU A 745 -24.82 37.93 6.59
C GLU A 745 -24.00 36.66 6.35
N CYS A 746 -23.20 36.26 7.34
CA CYS A 746 -22.38 35.04 7.26
C CYS A 746 -23.18 33.80 7.01
N ILE A 747 -24.42 33.79 7.45
CA ILE A 747 -25.22 32.57 7.34
C ILE A 747 -26.33 32.69 6.31
N SER A 748 -26.45 33.87 5.70
CA SER A 748 -27.56 34.12 4.79
C SER A 748 -27.11 34.67 3.46
N PHE A 749 -25.92 34.24 3.04
CA PHE A 749 -25.41 34.66 1.75
C PHE A 749 -25.65 33.54 0.73
N SER A 750 -26.11 33.92 -0.45
CA SER A 750 -26.32 32.96 -1.54
C SER A 750 -25.35 33.22 -2.67
N PRO A 751 -24.73 32.14 -3.18
CA PRO A 751 -23.79 32.33 -4.28
C PRO A 751 -24.53 32.51 -5.62
N ARG A 752 -23.83 33.07 -6.61
CA ARG A 752 -24.34 33.11 -7.97
C ARG A 752 -23.69 31.97 -8.72
N PHE A 753 -24.49 31.16 -9.44
CA PHE A 753 -23.96 30.03 -10.21
C PHE A 753 -23.58 30.35 -11.64
N ASP A 754 -22.80 31.42 -11.80
CA ASP A 754 -22.25 31.81 -13.09
C ASP A 754 -20.96 32.59 -12.82
N GLY A 755 -20.37 33.12 -13.87
CA GLY A 755 -19.09 33.78 -13.70
C GLY A 755 -18.00 32.79 -14.04
N THR A 756 -16.77 33.29 -14.18
CA THR A 756 -15.65 32.40 -14.42
C THR A 756 -15.52 31.53 -13.18
N PRO A 757 -14.90 30.35 -13.34
CA PRO A 757 -14.70 29.43 -12.21
C PRO A 757 -14.02 30.14 -11.04
N ASP A 758 -13.04 30.98 -11.36
CA ASP A 758 -12.33 31.76 -10.34
C ASP A 758 -13.30 32.60 -9.53
N ASP A 759 -14.25 33.25 -10.20
CA ASP A 759 -15.14 34.10 -9.43
C ASP A 759 -16.19 33.34 -8.67
N PHE A 760 -16.66 32.23 -9.23
CA PHE A 760 -17.56 31.39 -8.46
C PHE A 760 -16.87 30.79 -7.22
N ARG A 761 -15.60 30.42 -7.36
CA ARG A 761 -14.90 29.71 -6.31
C ARG A 761 -14.85 30.49 -5.00
N ILE A 762 -14.48 31.76 -5.11
CA ILE A 762 -14.41 32.61 -3.94
C ILE A 762 -15.82 32.96 -3.45
N ASN A 763 -16.73 33.06 -4.40
CA ASN A 763 -18.09 33.50 -4.12
C ASN A 763 -18.78 32.41 -3.34
N TYR A 764 -18.33 31.19 -3.56
CA TYR A 764 -18.93 30.02 -2.97
C TYR A 764 -18.29 29.80 -1.61
N LEU A 765 -16.99 30.04 -1.55
CA LEU A 765 -16.34 30.09 -0.26
C LEU A 765 -17.07 31.09 0.64
N LYS A 766 -17.30 32.30 0.16
CA LYS A 766 -18.02 33.27 0.98
C LYS A 766 -19.35 32.70 1.52
N ALA A 767 -20.09 32.00 0.67
CA ALA A 767 -21.38 31.44 1.08
C ALA A 767 -21.30 30.33 2.13
N GLU A 768 -20.20 29.56 2.11
CA GLU A 768 -20.06 28.37 2.94
C GLU A 768 -19.20 28.58 4.18
N ILE A 769 -18.24 29.51 4.09
CA ILE A 769 -17.12 29.52 5.02
C ILE A 769 -17.53 29.64 6.46
N MET A 770 -18.46 30.54 6.76
CA MET A 770 -18.91 30.77 8.12
C MET A 770 -20.23 30.05 8.42
N SER A 771 -20.64 29.14 7.54
CA SER A 771 -21.99 28.58 7.65
C SER A 771 -22.17 27.56 8.76
N LYS A 772 -21.08 27.15 9.38
CA LYS A 772 -21.25 26.20 10.49
C LYS A 772 -20.63 26.70 11.78
N TYR A 773 -20.27 27.97 11.80
CA TYR A 773 -19.71 28.60 12.99
C TYR A 773 -20.61 28.43 14.19
N ASP A 774 -20.14 27.74 15.22
CA ASP A 774 -20.99 27.43 16.36
C ASP A 774 -21.07 28.54 17.38
N ASP A 775 -20.43 29.67 17.12
CA ASP A 775 -20.30 30.67 18.17
C ASP A 775 -20.81 32.08 17.88
N PHE A 776 -21.85 32.16 17.05
CA PHE A 776 -22.42 33.46 16.75
C PHE A 776 -23.17 33.92 17.97
N SER A 777 -23.08 35.22 18.24
CA SER A 777 -23.87 35.77 19.31
C SER A 777 -25.26 35.92 18.75
N LEU A 778 -25.51 37.08 18.16
CA LEU A 778 -26.83 37.40 17.67
C LEU A 778 -27.54 36.23 16.96
N GLY A 779 -28.54 35.71 17.65
CA GLY A 779 -29.42 34.69 17.15
C GLY A 779 -30.25 34.17 18.29
N ILE A 780 -31.57 34.21 18.11
CA ILE A 780 -32.51 33.51 18.98
C ILE A 780 -32.38 32.04 18.58
N ASP A 781 -31.14 31.64 18.33
CA ASP A 781 -30.87 30.36 17.71
C ASP A 781 -30.68 29.26 18.72
N THR A 782 -31.51 28.22 18.60
CA THR A 782 -31.47 27.12 19.56
C THR A 782 -31.58 25.73 18.85
N GLU A 783 -31.53 24.64 19.63
CA GLU A 783 -31.74 23.27 19.14
C GLU A 783 -33.25 23.02 19.10
N ALA A 784 -34.02 24.03 19.46
CA ALA A 784 -35.45 23.98 19.30
C ALA A 784 -35.77 23.67 17.82
N VAL A 785 -34.96 24.22 16.93
CA VAL A 785 -35.04 23.97 15.48
C VAL A 785 -34.85 22.48 15.12
N ALA A 786 -33.76 21.89 15.62
CA ALA A 786 -33.56 20.47 15.38
C ALA A 786 -34.84 19.71 15.72
N TRP A 787 -35.38 19.95 16.90
CA TRP A 787 -36.52 19.16 17.40
C TRP A 787 -37.78 19.39 16.59
N GLU A 788 -37.97 20.61 16.13
CA GLU A 788 -39.07 20.89 15.21
C GLU A 788 -38.90 20.10 13.91
N LYS A 789 -37.73 20.16 13.31
CA LYS A 789 -37.40 19.32 12.16
C LYS A 789 -37.70 17.87 12.49
N PHE A 790 -37.22 17.43 13.63
CA PHE A 790 -37.37 16.02 13.99
C PHE A 790 -38.86 15.65 14.11
N LEU A 791 -39.64 16.55 14.67
CA LEU A 791 -41.08 16.29 14.79
C LEU A 791 -41.76 16.32 13.41
N ALA A 792 -41.25 17.18 12.54
CA ALA A 792 -41.81 17.36 11.20
C ALA A 792 -41.60 16.12 10.31
N ALA A 793 -40.45 15.44 10.46
CA ALA A 793 -40.20 14.22 9.67
C ALA A 793 -41.15 13.11 10.10
N GLU A 794 -41.30 12.96 11.42
CA GLU A 794 -42.28 12.01 12.00
C GLU A 794 -43.69 12.25 11.49
N ALA A 795 -44.16 13.51 11.56
CA ALA A 795 -45.52 13.80 11.11
C ALA A 795 -45.66 13.38 9.65
N GLU A 796 -44.61 13.62 8.89
CA GLU A 796 -44.55 13.25 7.50
C GLU A 796 -44.63 11.75 7.29
N CYS A 797 -43.93 10.95 8.11
CA CYS A 797 -44.06 9.50 7.99
C CYS A 797 -45.46 9.03 8.41
N ALA A 798 -46.09 9.78 9.30
CA ALA A 798 -47.43 9.44 9.72
C ALA A 798 -48.34 9.48 8.52
N LEU A 799 -48.32 10.58 7.78
CA LEU A 799 -49.09 10.70 6.54
C LEU A 799 -48.76 9.61 5.54
N THR A 800 -47.49 9.53 5.16
CA THR A 800 -47.08 8.51 4.22
C THR A 800 -47.46 7.08 4.71
N ASN A 801 -47.25 6.81 6.00
CA ASN A 801 -47.68 5.54 6.60
C ASN A 801 -49.18 5.26 6.41
N ALA A 802 -50.03 6.27 6.66
CA ALA A 802 -51.46 6.16 6.39
C ALA A 802 -51.70 5.87 4.93
N ARG A 803 -51.30 6.83 4.10
CA ARG A 803 -51.52 6.77 2.66
C ARG A 803 -51.03 5.49 2.01
N LEU A 804 -49.86 5.00 2.37
CA LEU A 804 -49.26 3.83 1.69
C LEU A 804 -49.89 2.48 2.04
N TYR A 805 -50.53 2.38 3.20
CA TYR A 805 -51.36 1.22 3.52
C TYR A 805 -52.82 1.53 3.13
N ARG A 806 -53.06 1.61 1.82
CA ARG A 806 -54.37 1.90 1.21
C ARG A 806 -54.20 2.03 -0.31
N PRO A 807 -53.48 1.08 -0.96
CA PRO A 807 -53.15 1.14 -2.41
C PRO A 807 -54.35 0.87 -3.36
N ASP A 808 -55.49 1.47 -2.98
CA ASP A 808 -56.78 1.24 -3.62
C ASP A 808 -57.40 2.60 -3.89
N TYR A 809 -57.29 3.04 -5.16
CA TYR A 809 -57.84 4.30 -5.66
C TYR A 809 -59.30 4.11 -6.00
N SER A 810 -60.04 3.54 -5.05
CA SER A 810 -61.44 3.21 -5.28
C SER A 810 -61.79 2.63 -6.67
N GLU A 811 -60.91 1.86 -7.27
CA GLU A 811 -61.13 1.29 -8.60
C GLU A 811 -59.87 1.00 -9.42
N ASP A 812 -60.01 -0.02 -10.26
CA ASP A 812 -58.98 -0.50 -11.15
C ASP A 812 -58.91 0.36 -12.43
N PHE A 813 -58.55 1.64 -12.27
CA PHE A 813 -58.56 2.59 -13.37
C PHE A 813 -57.23 3.32 -13.54
N ASN A 814 -56.79 4.00 -12.48
CA ASN A 814 -55.69 4.95 -12.53
C ASN A 814 -54.30 4.36 -12.27
N PHE A 815 -53.35 4.66 -13.14
CA PHE A 815 -52.01 4.14 -12.93
C PHE A 815 -51.01 5.26 -12.61
N SER A 816 -50.07 4.97 -11.70
CA SER A 816 -49.12 5.99 -11.27
C SER A 816 -47.66 5.53 -11.26
N LEU A 817 -46.76 6.49 -11.49
CA LEU A 817 -45.31 6.26 -11.50
C LEU A 817 -44.81 5.78 -10.14
N GLY A 818 -45.43 6.31 -9.09
CA GLY A 818 -45.07 5.94 -7.72
C GLY A 818 -45.33 4.48 -7.41
N GLU A 819 -46.60 4.08 -7.45
CA GLU A 819 -46.97 2.67 -7.33
C GLU A 819 -46.08 1.76 -8.18
N SER A 820 -45.86 2.18 -9.43
CA SER A 820 -45.07 1.41 -10.38
C SER A 820 -43.60 1.20 -9.97
N CYS A 821 -42.91 2.27 -9.57
CA CYS A 821 -41.52 2.12 -9.08
C CYS A 821 -41.42 1.28 -7.82
N ILE A 822 -42.38 1.43 -6.91
CA ILE A 822 -42.37 0.55 -5.76
C ILE A 822 -42.46 -0.94 -6.17
N HIS A 823 -43.37 -1.26 -7.11
CA HIS A 823 -43.54 -2.65 -7.54
C HIS A 823 -42.28 -3.10 -8.24
N MET A 824 -41.73 -2.23 -9.05
CA MET A 824 -40.55 -2.56 -9.78
C MET A 824 -39.38 -2.76 -8.83
N ALA A 825 -39.23 -1.83 -7.90
CA ALA A 825 -38.13 -1.84 -6.96
C ALA A 825 -38.23 -3.04 -6.01
N ARG A 826 -39.45 -3.43 -5.66
CA ARG A 826 -39.60 -4.47 -4.68
C ARG A 826 -38.89 -5.72 -5.20
N ARG A 827 -39.24 -6.07 -6.45
CA ARG A 827 -38.82 -7.32 -7.10
C ARG A 827 -37.31 -7.38 -7.26
N LYS A 828 -36.73 -6.23 -7.57
CA LYS A 828 -35.29 -6.07 -7.67
C LYS A 828 -34.63 -6.21 -6.29
N ILE A 829 -35.24 -5.58 -5.30
CA ILE A 829 -34.69 -5.70 -3.95
C ILE A 829 -34.65 -7.16 -3.59
N ALA A 830 -35.73 -7.89 -3.86
CA ALA A 830 -35.78 -9.26 -3.39
C ALA A 830 -34.69 -10.13 -4.04
N LYS A 831 -34.31 -9.80 -5.28
CA LYS A 831 -33.28 -10.55 -6.01
C LYS A 831 -31.88 -10.26 -5.45
N LEU A 832 -31.65 -9.01 -5.05
CA LEU A 832 -30.37 -8.60 -4.49
C LEU A 832 -30.17 -9.26 -3.09
N ILE A 833 -31.24 -9.26 -2.30
CA ILE A 833 -31.14 -9.37 -0.85
C ILE A 833 -31.45 -10.74 -0.23
N GLY A 834 -32.26 -11.56 -0.92
CA GLY A 834 -32.75 -12.80 -0.34
C GLY A 834 -34.09 -12.62 0.36
N ASP A 835 -34.61 -13.66 0.99
CA ASP A 835 -35.89 -13.54 1.68
C ASP A 835 -35.62 -13.11 3.05
N VAL A 836 -34.35 -13.24 3.44
CA VAL A 836 -33.98 -13.11 4.82
C VAL A 836 -32.46 -13.07 4.96
N PRO A 837 -31.96 -12.36 5.99
CA PRO A 837 -30.52 -12.22 6.30
C PRO A 837 -29.89 -13.53 6.69
N SER A 838 -28.97 -14.05 5.88
CA SER A 838 -28.34 -15.34 6.16
C SER A 838 -27.77 -15.43 7.56
N VAL A 839 -27.66 -16.65 8.05
CA VAL A 839 -27.04 -16.91 9.33
C VAL A 839 -25.59 -16.45 9.23
N GLU A 840 -24.90 -16.98 8.23
CA GLU A 840 -23.50 -16.64 8.01
C GLU A 840 -23.38 -15.14 7.97
N GLY A 841 -24.34 -14.51 7.30
CA GLY A 841 -24.33 -13.07 7.15
C GLY A 841 -24.23 -12.42 8.49
N MET A 842 -25.18 -12.72 9.36
CA MET A 842 -25.21 -12.13 10.69
C MET A 842 -23.94 -12.41 11.48
N LEU A 843 -23.46 -13.65 11.44
CA LEU A 843 -22.34 -14.03 12.28
C LEU A 843 -21.06 -13.40 11.73
N ARG A 844 -21.13 -12.94 10.50
CA ARG A 844 -19.98 -12.31 9.90
C ARG A 844 -19.96 -10.81 10.18
N HIS A 845 -21.12 -10.24 10.55
CA HIS A 845 -21.22 -8.77 10.63
C HIS A 845 -21.62 -8.14 11.98
N CYS A 846 -22.47 -8.79 12.76
CA CYS A 846 -22.71 -8.32 14.13
C CYS A 846 -21.44 -8.09 14.93
N ARG A 847 -21.44 -6.98 15.66
CA ARG A 847 -20.31 -6.59 16.49
C ARG A 847 -20.66 -5.29 17.21
N PHE A 848 -19.82 -4.93 18.17
CA PHE A 848 -20.04 -3.73 18.95
C PHE A 848 -19.18 -2.66 18.34
N SER A 849 -19.68 -1.44 18.31
CA SER A 849 -18.82 -0.43 17.80
C SER A 849 -19.18 0.92 18.33
N GLY A 850 -18.33 1.37 19.25
CA GLY A 850 -17.95 2.76 19.26
C GLY A 850 -18.22 3.65 20.43
N GLY A 851 -19.37 4.31 20.38
CA GLY A 851 -19.67 5.36 21.32
C GLY A 851 -20.71 4.89 22.30
N ALA A 852 -21.37 5.88 22.90
CA ALA A 852 -22.36 5.66 23.93
C ALA A 852 -23.50 4.73 23.48
N THR A 853 -24.09 4.05 24.46
CA THR A 853 -25.33 3.34 24.28
C THR A 853 -26.25 3.82 25.43
N THR A 854 -27.47 3.30 25.41
CA THR A 854 -28.44 3.49 26.47
C THR A 854 -27.83 3.25 27.86
N THR A 855 -26.84 2.36 27.93
CA THR A 855 -26.21 2.03 29.22
C THR A 855 -24.83 2.66 29.45
N ASN A 856 -24.07 2.92 28.37
CA ASN A 856 -22.72 3.47 28.47
C ASN A 856 -22.64 4.91 27.95
N ASN A 857 -21.97 5.79 28.67
CA ASN A 857 -21.69 7.09 28.12
C ASN A 857 -20.44 6.99 27.25
N ARG A 858 -20.17 8.03 26.48
CA ARG A 858 -19.09 7.99 25.50
C ARG A 858 -17.81 7.51 26.15
N SER A 859 -17.56 7.90 27.39
CA SER A 859 -16.29 7.56 28.00
C SER A 859 -16.19 6.06 28.30
N TYR A 860 -17.31 5.35 28.23
CA TYR A 860 -17.32 3.89 28.38
C TYR A 860 -17.72 3.20 27.09
N GLY A 861 -17.45 3.86 25.96
CA GLY A 861 -17.89 3.41 24.66
C GLY A 861 -17.10 2.28 24.01
N HIS A 862 -15.88 2.05 24.48
CA HIS A 862 -15.04 1.05 23.83
C HIS A 862 -15.76 -0.30 23.79
N PRO A 863 -15.61 -1.02 22.66
CA PRO A 863 -16.24 -2.35 22.59
C PRO A 863 -16.04 -3.20 23.85
N SER A 864 -14.85 -3.14 24.44
CA SER A 864 -14.52 -3.97 25.58
C SER A 864 -15.40 -3.64 26.77
N PHE A 865 -15.83 -2.39 26.83
CA PHE A 865 -16.80 -1.96 27.85
C PHE A 865 -18.20 -2.44 27.55
N LYS A 866 -18.53 -2.64 26.27
CA LYS A 866 -19.85 -3.17 25.90
C LYS A 866 -19.98 -4.67 26.25
N PHE A 867 -18.83 -5.36 26.24
CA PHE A 867 -18.81 -6.75 26.67
C PHE A 867 -18.74 -6.89 28.19
N ALA A 868 -18.15 -5.90 28.85
CA ALA A 868 -18.04 -5.94 30.29
C ALA A 868 -19.39 -5.53 30.90
N LEU A 869 -19.71 -4.25 30.82
CA LEU A 869 -21.00 -3.77 31.29
C LEU A 869 -22.12 -4.47 30.54
N PRO A 870 -23.25 -4.76 31.23
CA PRO A 870 -24.46 -5.34 30.63
C PRO A 870 -25.24 -4.32 29.78
N GLN A 871 -25.70 -4.74 28.60
CA GLN A 871 -26.31 -3.80 27.67
C GLN A 871 -27.82 -3.94 27.70
N ALA A 872 -28.52 -2.87 27.38
CA ALA A 872 -29.98 -2.96 27.24
C ALA A 872 -30.36 -3.70 25.96
N CYS A 873 -31.65 -3.95 25.80
CA CYS A 873 -32.11 -4.62 24.62
C CYS A 873 -33.62 -4.57 24.53
N THR A 874 -34.13 -4.72 23.32
CA THR A 874 -35.53 -4.46 23.03
C THR A 874 -36.27 -5.75 23.28
N PRO A 875 -37.57 -5.66 23.61
CA PRO A 875 -38.33 -6.91 23.73
C PRO A 875 -38.14 -7.80 22.49
N ARG A 876 -38.32 -7.25 21.29
CA ARG A 876 -38.18 -8.10 20.10
C ARG A 876 -36.75 -8.50 19.81
N ALA A 877 -35.80 -7.78 20.40
CA ALA A 877 -34.39 -8.02 20.17
C ALA A 877 -33.83 -9.14 21.06
N LEU A 878 -34.57 -9.49 22.12
CA LEU A 878 -34.17 -10.45 23.15
C LEU A 878 -33.70 -11.82 22.67
N LYS A 879 -34.45 -12.41 21.74
CA LYS A 879 -34.09 -13.69 21.11
C LYS A 879 -32.74 -13.69 20.41
N TYR A 880 -32.31 -12.52 19.92
CA TYR A 880 -31.01 -12.42 19.29
C TYR A 880 -29.93 -12.59 20.35
N VAL A 881 -30.04 -11.80 21.41
CA VAL A 881 -29.15 -11.94 22.56
C VAL A 881 -29.10 -13.40 23.06
N LEU A 882 -30.25 -14.06 23.23
CA LEU A 882 -30.26 -15.44 23.74
C LEU A 882 -29.49 -16.39 22.83
N ALA A 883 -29.68 -16.24 21.53
CA ALA A 883 -28.96 -17.03 20.54
C ALA A 883 -27.46 -16.73 20.59
N LEU A 884 -27.12 -15.49 20.90
CA LEU A 884 -25.73 -15.14 21.09
C LEU A 884 -25.24 -15.88 22.33
N ARG A 885 -25.97 -15.70 23.44
CA ARG A 885 -25.61 -16.33 24.73
C ARG A 885 -25.54 -17.86 24.71
N ALA A 886 -26.23 -18.47 23.74
CA ALA A 886 -26.20 -19.92 23.51
C ALA A 886 -24.99 -20.37 22.70
N SER A 887 -24.27 -19.42 22.13
CA SER A 887 -23.19 -19.78 21.21
C SER A 887 -21.84 -19.75 21.91
N THR A 888 -21.75 -19.12 23.08
CA THR A 888 -20.49 -19.17 23.84
C THR A 888 -20.67 -19.53 25.28
N HIS A 889 -19.53 -19.90 25.88
CA HIS A 889 -19.44 -20.17 27.29
C HIS A 889 -19.29 -18.88 28.06
N PHE A 890 -18.86 -17.82 27.37
CA PHE A 890 -18.72 -16.52 28.01
C PHE A 890 -20.08 -15.94 28.43
N ASP A 891 -20.05 -15.08 29.43
CA ASP A 891 -21.25 -14.46 29.98
C ASP A 891 -21.78 -13.38 29.06
N ILE A 892 -22.99 -13.57 28.58
CA ILE A 892 -23.65 -12.55 27.79
C ILE A 892 -24.86 -12.12 28.58
N ARG A 893 -24.87 -10.92 29.11
CA ARG A 893 -25.97 -10.52 29.96
C ARG A 893 -26.66 -9.22 29.56
N ILE A 894 -27.87 -8.99 30.09
CA ILE A 894 -28.72 -7.88 29.69
C ILE A 894 -29.04 -6.92 30.86
N SER A 895 -28.55 -5.69 30.78
CA SER A 895 -28.84 -4.72 31.84
C SER A 895 -30.34 -4.52 32.02
N ASP A 896 -31.04 -4.41 30.90
CA ASP A 896 -32.45 -4.09 30.96
C ASP A 896 -33.10 -4.52 29.64
N ILE A 897 -34.43 -4.55 29.64
CA ILE A 897 -35.17 -4.98 28.48
C ILE A 897 -36.27 -3.93 28.29
N SER A 898 -36.18 -3.18 27.20
CA SER A 898 -36.98 -1.96 27.04
C SER A 898 -37.01 -1.41 25.62
N PRO A 899 -38.12 -0.78 25.24
CA PRO A 899 -38.37 -0.35 23.86
C PRO A 899 -37.85 1.05 23.54
N PHE A 900 -37.11 1.67 24.44
CA PHE A 900 -36.65 3.03 24.14
C PHE A 900 -35.16 3.17 23.71
N ASN A 901 -34.95 4.17 22.86
CA ASN A 901 -33.62 4.69 22.57
C ASN A 901 -33.70 6.11 23.11
N LYS A 902 -32.59 6.84 23.08
CA LYS A 902 -32.54 8.21 23.61
C LYS A 902 -32.30 9.24 22.52
N ALA A 903 -33.29 10.08 22.26
CA ALA A 903 -33.08 11.09 21.25
C ALA A 903 -32.32 12.26 21.87
N VAL A 904 -31.17 12.57 21.29
CA VAL A 904 -30.37 13.67 21.78
C VAL A 904 -30.06 14.50 20.57
N THR A 905 -29.28 15.54 20.79
CA THR A 905 -29.01 16.48 19.72
C THR A 905 -27.51 16.66 19.58
N VAL A 906 -27.05 16.79 18.33
CA VAL A 906 -25.63 17.03 18.04
C VAL A 906 -25.50 18.23 17.11
N PRO A 907 -24.29 18.75 16.96
CA PRO A 907 -24.08 19.96 16.16
C PRO A 907 -24.22 19.68 14.67
N LYS A 908 -24.71 20.67 13.92
CA LYS A 908 -24.81 20.55 12.47
C LYS A 908 -24.40 21.83 11.79
N ASN A 909 -25.23 22.86 11.85
CA ASN A 909 -24.81 24.15 11.34
C ASN A 909 -25.18 25.36 12.22
N SER A 910 -24.93 26.57 11.74
CA SER A 910 -25.19 27.77 12.53
C SER A 910 -26.67 27.96 12.83
N LYS A 911 -27.53 27.38 11.98
CA LYS A 911 -28.99 27.49 12.11
C LYS A 911 -29.61 26.32 12.86
N THR A 912 -28.94 25.19 12.94
CA THR A 912 -29.61 24.00 13.54
C THR A 912 -28.72 22.83 13.91
N ASP A 913 -29.14 22.11 14.96
CA ASP A 913 -28.49 20.89 15.37
C ASP A 913 -29.08 19.74 14.56
N ARG A 914 -28.69 18.50 14.88
CA ARG A 914 -29.24 17.31 14.25
C ARG A 914 -29.67 16.40 15.37
N CYS A 915 -30.91 15.95 15.38
CA CYS A 915 -31.36 14.98 16.38
C CYS A 915 -30.95 13.57 15.95
N ILE A 916 -30.24 12.87 16.82
CA ILE A 916 -29.91 11.49 16.55
C ILE A 916 -30.49 10.68 17.68
N ALA A 917 -30.28 9.37 17.67
CA ALA A 917 -30.71 8.59 18.81
C ALA A 917 -29.68 7.55 19.21
N ILE A 918 -29.49 7.41 20.53
CA ILE A 918 -28.56 6.46 21.10
C ILE A 918 -29.26 5.13 21.31
N GLU A 919 -28.74 4.08 20.70
CA GLU A 919 -29.44 2.80 20.74
C GLU A 919 -29.12 1.98 21.99
N PRO A 920 -29.95 0.99 22.29
CA PRO A 920 -29.54 -0.03 23.24
C PRO A 920 -28.36 -0.84 22.71
N GLY A 921 -27.39 -1.10 23.56
CA GLY A 921 -26.15 -1.78 23.19
C GLY A 921 -26.30 -3.03 22.37
N TRP A 922 -27.23 -3.91 22.75
CA TRP A 922 -27.39 -5.21 22.07
C TRP A 922 -28.11 -5.11 20.72
N ASN A 923 -28.96 -4.11 20.59
CA ASN A 923 -29.66 -3.82 19.35
C ASN A 923 -28.68 -3.31 18.31
N MET A 924 -27.84 -2.36 18.72
CA MET A 924 -26.66 -1.99 17.96
C MET A 924 -25.92 -3.24 17.46
N PHE A 925 -25.52 -4.10 18.38
CA PHE A 925 -24.75 -5.30 18.02
C PHE A 925 -25.38 -5.96 16.79
N PHE A 926 -26.70 -5.98 16.75
CA PHE A 926 -27.37 -6.73 15.71
C PHE A 926 -27.67 -5.86 14.49
N GLN A 927 -27.88 -4.58 14.75
CA GLN A 927 -28.05 -3.61 13.69
C GLN A 927 -26.81 -3.54 12.77
N LEU A 928 -25.61 -3.63 13.34
CA LEU A 928 -24.40 -3.64 12.52
C LEU A 928 -24.25 -4.93 11.70
N GLY A 929 -24.77 -6.04 12.22
CA GLY A 929 -24.87 -7.23 11.41
C GLY A 929 -25.63 -6.99 10.12
N ILE A 930 -26.86 -6.48 10.18
CA ILE A 930 -27.57 -6.31 8.93
C ILE A 930 -26.93 -5.20 8.08
N GLY A 931 -26.48 -4.14 8.73
CA GLY A 931 -25.82 -3.05 8.02
C GLY A 931 -24.64 -3.53 7.18
N GLY A 932 -23.83 -4.39 7.80
CA GLY A 932 -22.73 -5.05 7.14
C GLY A 932 -23.17 -5.96 6.00
N ILE A 933 -24.26 -6.70 6.15
CA ILE A 933 -24.72 -7.48 4.98
C ILE A 933 -25.34 -6.65 3.85
N LEU A 934 -26.15 -5.62 4.15
CA LEU A 934 -26.62 -4.75 3.07
C LEU A 934 -25.43 -4.11 2.31
N ARG A 935 -24.39 -3.76 3.05
CA ARG A 935 -23.16 -3.22 2.47
C ARG A 935 -22.57 -4.20 1.44
N ASP A 936 -22.54 -5.50 1.76
CA ASP A 936 -22.01 -6.48 0.82
C ASP A 936 -22.86 -6.62 -0.41
N ARG A 937 -24.18 -6.68 -0.21
CA ARG A 937 -25.07 -6.95 -1.32
C ARG A 937 -25.08 -5.76 -2.28
N LEU A 938 -24.90 -4.55 -1.76
CA LEU A 938 -24.97 -3.37 -2.59
C LEU A 938 -23.84 -3.32 -3.61
N ARG A 939 -22.75 -4.05 -3.36
CA ARG A 939 -21.67 -4.13 -4.32
C ARG A 939 -22.14 -4.70 -5.67
N CYS A 940 -23.21 -5.49 -5.64
CA CYS A 940 -23.78 -6.05 -6.88
C CYS A 940 -24.58 -5.03 -7.67
N TRP A 941 -24.88 -3.88 -7.07
CA TRP A 941 -25.49 -2.82 -7.85
C TRP A 941 -24.40 -1.78 -8.17
N GLY A 942 -23.15 -2.18 -7.97
CA GLY A 942 -22.03 -1.28 -8.15
C GLY A 942 -22.02 -0.10 -7.18
N ILE A 943 -22.78 -0.23 -6.09
CA ILE A 943 -22.80 0.72 -5.01
C ILE A 943 -21.75 0.35 -3.94
N ASP A 944 -20.78 1.22 -3.72
CA ASP A 944 -19.66 0.88 -2.83
C ASP A 944 -19.52 1.86 -1.70
N LEU A 945 -20.13 1.51 -0.58
CA LEU A 945 -20.32 2.39 0.56
C LEU A 945 -19.03 2.55 1.41
N ASN A 946 -17.94 1.97 0.93
CA ASN A 946 -16.65 2.15 1.56
C ASN A 946 -15.82 3.17 0.82
N ASP A 947 -16.32 3.59 -0.33
CA ASP A 947 -15.58 4.50 -1.18
C ASP A 947 -16.42 5.70 -1.63
N GLN A 948 -16.23 6.84 -0.99
CA GLN A 948 -16.95 8.04 -1.39
C GLN A 948 -16.28 8.65 -2.62
N THR A 949 -15.21 8.03 -3.12
CA THR A 949 -14.52 8.69 -4.21
C THR A 949 -15.22 8.44 -5.51
N ILE A 950 -16.08 7.41 -5.58
CA ILE A 950 -16.80 7.24 -6.82
C ILE A 950 -17.77 8.42 -6.98
N ASN A 951 -18.52 8.74 -5.93
CA ASN A 951 -19.46 9.85 -6.05
C ASN A 951 -18.73 11.18 -6.31
N GLN A 952 -17.50 11.31 -5.82
CA GLN A 952 -16.83 12.58 -6.02
C GLN A 952 -16.50 12.80 -7.49
N ARG A 953 -15.96 11.75 -8.11
CA ARG A 953 -15.59 11.77 -9.51
C ARG A 953 -16.80 11.90 -10.43
N ARG A 954 -17.84 11.13 -10.18
CA ARG A 954 -19.05 11.31 -10.96
C ARG A 954 -19.66 12.72 -10.79
N ALA A 955 -19.41 13.41 -9.68
CA ALA A 955 -19.92 14.76 -9.50
C ALA A 955 -19.11 15.71 -10.39
N HIS A 956 -17.84 15.35 -10.59
CA HIS A 956 -16.92 16.17 -11.36
C HIS A 956 -17.28 16.06 -12.84
N GLU A 957 -17.32 14.83 -13.32
CA GLU A 957 -17.88 14.50 -14.60
C GLU A 957 -19.23 15.21 -14.85
N GLY A 958 -20.14 15.14 -13.88
CA GLY A 958 -21.44 15.76 -14.07
C GLY A 958 -21.37 17.23 -14.38
N SER A 959 -20.38 17.94 -13.83
CA SER A 959 -20.30 19.39 -13.94
C SER A 959 -19.63 19.76 -15.25
N VAL A 960 -19.07 18.77 -15.88
CA VAL A 960 -18.48 18.99 -17.17
C VAL A 960 -19.49 18.60 -18.26
N THR A 961 -20.14 17.45 -18.13
CA THR A 961 -20.97 16.92 -19.20
C THR A 961 -22.43 17.28 -19.05
N ASN A 962 -22.86 17.58 -17.84
CA ASN A 962 -24.26 17.86 -17.56
C ASN A 962 -25.15 16.68 -17.78
N ASN A 963 -24.55 15.51 -17.97
CA ASN A 963 -25.37 14.29 -18.13
C ASN A 963 -25.73 13.59 -16.85
N LEU A 964 -25.03 13.91 -15.76
CA LEU A 964 -25.27 13.31 -14.46
C LEU A 964 -25.81 14.34 -13.51
N ALA A 965 -26.75 13.94 -12.65
CA ALA A 965 -27.23 14.82 -11.61
C ALA A 965 -26.81 14.37 -10.21
N THR A 966 -26.51 15.35 -9.36
CA THR A 966 -26.29 15.16 -7.94
C THR A 966 -27.60 15.52 -7.19
N VAL A 967 -28.19 14.54 -6.52
CA VAL A 967 -29.47 14.75 -5.85
C VAL A 967 -29.35 14.64 -4.33
N ASP A 968 -30.15 15.45 -3.62
CA ASP A 968 -30.12 15.47 -2.14
C ASP A 968 -31.52 15.50 -1.53
N LEU A 969 -31.80 14.60 -0.59
CA LEU A 969 -33.11 14.59 0.08
C LEU A 969 -33.10 15.42 1.36
N SER A 970 -34.21 16.06 1.68
CA SER A 970 -34.22 17.07 2.74
C SER A 970 -34.06 16.51 4.15
N ALA A 971 -34.73 15.43 4.48
CA ALA A 971 -34.34 14.80 5.74
C ALA A 971 -34.14 13.32 5.46
N ALA A 972 -33.18 13.02 4.59
CA ALA A 972 -33.04 11.67 4.03
C ALA A 972 -33.68 10.57 4.86
N SER A 973 -33.03 10.19 5.95
CA SER A 973 -33.41 8.97 6.65
C SER A 973 -34.62 9.14 7.60
N ASP A 974 -34.79 10.33 8.17
CA ASP A 974 -35.92 10.55 9.07
C ASP A 974 -37.24 10.44 8.33
N SER A 975 -37.19 10.53 7.01
CA SER A 975 -38.39 10.49 6.17
C SER A 975 -38.73 9.12 5.59
N ILE A 976 -37.87 8.14 5.86
CA ILE A 976 -38.09 6.77 5.44
C ILE A 976 -39.05 6.04 6.39
N SER A 977 -40.33 5.99 5.99
CA SER A 977 -41.41 5.45 6.82
C SER A 977 -41.39 3.94 6.94
N LEU A 978 -42.08 3.43 7.96
CA LEU A 978 -42.35 2.02 8.13
C LEU A 978 -43.10 1.46 6.93
N ALA A 979 -44.10 2.19 6.44
CA ALA A 979 -44.88 1.62 5.34
C ALA A 979 -43.99 1.42 4.10
N LEU A 980 -43.24 2.45 3.71
CA LEU A 980 -42.32 2.25 2.61
C LEU A 980 -41.38 1.02 2.76
N CYS A 981 -40.74 0.83 3.90
CA CYS A 981 -39.90 -0.38 4.01
C CYS A 981 -40.67 -1.67 3.87
N GLU A 982 -41.91 -1.63 4.35
CA GLU A 982 -42.69 -2.86 4.48
C GLU A 982 -43.02 -3.42 3.11
N LEU A 983 -43.43 -2.51 2.21
CA LEU A 983 -43.68 -2.93 0.84
C LEU A 983 -42.53 -2.69 -0.11
N LEU A 984 -41.30 -2.75 0.39
CA LEU A 984 -40.15 -2.73 -0.49
C LEU A 984 -39.25 -3.93 -0.20
N LEU A 985 -39.34 -4.44 1.04
CA LEU A 985 -38.42 -5.45 1.51
C LEU A 985 -39.08 -6.80 1.61
N PRO A 986 -38.29 -7.88 1.45
CA PRO A 986 -38.90 -9.18 1.73
C PRO A 986 -39.39 -9.23 3.19
N PRO A 987 -40.56 -9.84 3.42
CA PRO A 987 -41.15 -10.09 4.75
C PRO A 987 -40.09 -10.54 5.77
N GLY A 988 -39.36 -11.61 5.45
CA GLY A 988 -38.21 -12.04 6.26
C GLY A 988 -37.36 -10.89 6.75
N TRP A 989 -36.89 -10.06 5.81
CA TRP A 989 -36.07 -8.89 6.15
C TRP A 989 -36.85 -7.91 6.96
N PHE A 990 -38.08 -7.59 6.53
CA PHE A 990 -38.82 -6.58 7.26
C PHE A 990 -38.94 -6.98 8.73
N GLU A 991 -39.26 -8.24 8.98
CA GLU A 991 -39.39 -8.68 10.37
C GLU A 991 -38.12 -8.42 11.19
N VAL A 992 -36.97 -8.83 10.63
CA VAL A 992 -35.70 -8.66 11.31
C VAL A 992 -35.43 -7.18 11.52
N LEU A 993 -35.74 -6.35 10.53
CA LEU A 993 -35.61 -4.89 10.76
C LEU A 993 -36.47 -4.44 11.95
N MET A 994 -37.67 -4.98 12.05
CA MET A 994 -38.61 -4.59 13.11
C MET A 994 -38.18 -5.12 14.49
N ASP A 995 -37.52 -6.28 14.52
CA ASP A 995 -36.99 -6.80 15.78
C ASP A 995 -35.94 -5.81 16.26
N LEU A 996 -35.07 -5.42 15.33
CA LEU A 996 -33.81 -4.75 15.66
C LEU A 996 -33.95 -3.24 15.88
N ARG A 997 -35.00 -2.63 15.37
CA ARG A 997 -35.11 -1.21 15.61
C ARG A 997 -35.47 -0.90 17.06
N SER A 998 -35.27 0.35 17.46
CA SER A 998 -35.95 0.80 18.64
C SER A 998 -37.25 1.57 18.26
N PRO A 999 -38.39 0.95 18.59
CA PRO A 999 -39.77 1.36 18.33
C PRO A 999 -40.20 2.63 19.01
N LYS A 1000 -39.56 2.97 20.13
CA LYS A 1000 -39.91 4.19 20.86
C LYS A 1000 -38.69 5.05 21.17
N GLY A 1001 -38.94 6.34 21.33
CA GLY A 1001 -37.88 7.25 21.69
C GLY A 1001 -38.19 8.03 22.95
N ARG A 1002 -37.19 8.22 23.80
CA ARG A 1002 -37.32 9.11 24.95
C ARG A 1002 -36.55 10.37 24.67
N LEU A 1003 -37.25 11.49 24.64
CA LEU A 1003 -36.62 12.76 24.33
C LEU A 1003 -36.05 13.42 25.59
N PRO A 1004 -35.12 14.37 25.43
CA PRO A 1004 -34.66 15.07 26.63
C PRO A 1004 -35.84 15.70 27.38
N ASP A 1005 -36.93 15.98 26.66
CA ASP A 1005 -38.20 16.47 27.20
C ASP A 1005 -38.78 15.62 28.36
N GLY A 1006 -38.25 14.41 28.53
CA GLY A 1006 -38.93 13.39 29.32
C GLY A 1006 -40.01 12.70 28.50
N SER A 1007 -40.50 13.38 27.46
CA SER A 1007 -41.56 12.86 26.58
C SER A 1007 -41.12 11.74 25.65
N VAL A 1008 -42.12 11.14 24.99
CA VAL A 1008 -41.91 9.96 24.15
C VAL A 1008 -42.36 10.16 22.71
N VAL A 1009 -41.71 9.41 21.83
CA VAL A 1009 -42.23 9.19 20.51
C VAL A 1009 -42.28 7.70 20.24
N THR A 1010 -43.32 7.28 19.54
CA THR A 1010 -43.38 5.95 18.97
C THR A 1010 -43.08 6.14 17.50
N TYR A 1011 -42.03 5.45 17.06
CA TYR A 1011 -41.43 5.82 15.78
C TYR A 1011 -42.30 5.43 14.59
N GLU A 1012 -42.58 6.47 13.83
CA GLU A 1012 -43.28 6.45 12.57
C GLU A 1012 -42.28 6.12 11.44
N LYS A 1013 -41.07 6.67 11.55
CA LYS A 1013 -40.02 6.37 10.61
C LYS A 1013 -39.57 4.94 10.91
N ILE A 1014 -38.86 4.29 10.01
CA ILE A 1014 -38.43 2.92 10.29
C ILE A 1014 -37.26 2.92 11.30
N SER A 1015 -36.40 3.94 11.21
CA SER A 1015 -35.27 4.06 12.14
C SER A 1015 -34.61 5.42 12.08
N SER A 1016 -34.13 5.84 13.25
CA SER A 1016 -33.43 7.10 13.39
C SER A 1016 -31.95 6.95 13.06
N MET A 1017 -31.30 8.08 12.80
CA MET A 1017 -29.86 8.17 12.65
C MET A 1017 -29.25 7.80 13.99
N GLY A 1018 -28.36 6.80 14.00
CA GLY A 1018 -27.80 6.28 15.25
C GLY A 1018 -27.94 4.79 15.27
N ASN A 1019 -29.00 4.33 14.62
CA ASN A 1019 -29.26 2.93 14.41
C ASN A 1019 -28.20 2.34 13.47
N GLY A 1020 -27.70 1.16 13.77
CA GLY A 1020 -26.57 0.61 13.06
C GLY A 1020 -26.78 0.12 11.63
N TYR A 1021 -28.03 0.16 11.15
CA TYR A 1021 -28.30 -0.16 9.74
C TYR A 1021 -28.94 0.99 8.95
N THR A 1022 -29.25 2.10 9.61
CA THR A 1022 -30.00 3.19 8.95
C THR A 1022 -29.34 3.65 7.65
N PHE A 1023 -28.04 3.87 7.69
CA PHE A 1023 -27.28 4.32 6.54
C PHE A 1023 -27.25 3.34 5.33
N GLU A 1024 -27.09 2.06 5.59
CA GLU A 1024 -27.10 1.07 4.49
C GLU A 1024 -28.53 0.81 4.00
N LEU A 1025 -29.50 0.95 4.89
CA LEU A 1025 -30.88 0.79 4.47
C LEU A 1025 -31.36 1.94 3.62
N GLU A 1026 -30.87 3.14 3.88
CA GLU A 1026 -31.36 4.28 3.10
C GLU A 1026 -30.71 4.23 1.71
N SER A 1027 -29.45 3.78 1.71
CA SER A 1027 -28.66 3.63 0.50
C SER A 1027 -29.37 2.64 -0.44
N LEU A 1028 -29.78 1.52 0.13
CA LEU A 1028 -30.56 0.53 -0.57
C LEU A 1028 -31.88 1.07 -1.13
N ILE A 1029 -32.68 1.65 -0.25
CA ILE A 1029 -33.97 2.17 -0.66
C ILE A 1029 -33.77 3.18 -1.79
N PHE A 1030 -32.83 4.11 -1.62
CA PHE A 1030 -32.63 5.13 -2.63
C PHE A 1030 -32.17 4.56 -3.98
N ALA A 1031 -31.21 3.64 -3.97
CA ALA A 1031 -30.73 3.03 -5.21
C ALA A 1031 -31.86 2.27 -5.93
N SER A 1032 -32.56 1.45 -5.17
CA SER A 1032 -33.65 0.67 -5.73
C SER A 1032 -34.62 1.58 -6.48
N LEU A 1033 -35.04 2.70 -5.88
CA LEU A 1033 -36.06 3.55 -6.55
C LEU A 1033 -35.46 4.19 -7.81
N ALA A 1034 -34.29 4.77 -7.64
CA ALA A 1034 -33.64 5.45 -8.72
C ALA A 1034 -33.43 4.43 -9.87
N ARG A 1035 -32.96 3.22 -9.52
CA ARG A 1035 -32.71 2.19 -10.52
C ARG A 1035 -34.00 1.85 -11.24
N SER A 1036 -35.06 1.65 -10.47
CA SER A 1036 -36.38 1.43 -11.06
C SER A 1036 -36.80 2.58 -12.00
N VAL A 1037 -36.41 3.79 -11.62
CA VAL A 1037 -36.75 4.97 -12.40
C VAL A 1037 -36.03 4.95 -13.76
N CYS A 1038 -34.76 4.59 -13.72
CA CYS A 1038 -33.99 4.34 -14.94
C CYS A 1038 -34.68 3.41 -15.92
N GLU A 1039 -35.07 2.23 -15.44
CA GLU A 1039 -35.84 1.29 -16.25
C GLU A 1039 -37.10 1.90 -16.84
N ILE A 1040 -37.94 2.48 -15.99
CA ILE A 1040 -39.22 2.96 -16.49
C ILE A 1040 -38.97 4.00 -17.61
N LEU A 1041 -37.73 4.50 -17.68
CA LEU A 1041 -37.33 5.53 -18.65
C LEU A 1041 -36.40 5.04 -19.76
N ASP A 1042 -36.11 3.76 -19.80
CA ASP A 1042 -35.13 3.24 -20.75
C ASP A 1042 -33.75 3.88 -20.55
N LEU A 1043 -33.37 4.10 -19.30
CA LEU A 1043 -31.97 4.36 -19.00
C LEU A 1043 -31.31 3.14 -18.36
N ASP A 1044 -29.99 3.17 -18.42
CA ASP A 1044 -29.17 2.14 -17.81
C ASP A 1044 -29.13 2.34 -16.29
N SER A 1045 -29.59 1.32 -15.57
CA SER A 1045 -29.58 1.31 -14.13
C SER A 1045 -28.20 1.49 -13.51
N SER A 1046 -27.18 1.05 -14.23
CA SER A 1046 -25.84 1.04 -13.69
C SER A 1046 -25.32 2.48 -13.63
N GLU A 1047 -26.08 3.41 -14.20
CA GLU A 1047 -25.72 4.81 -14.12
C GLU A 1047 -26.15 5.37 -12.76
N VAL A 1048 -26.81 4.53 -11.96
CA VAL A 1048 -27.22 4.91 -10.61
C VAL A 1048 -26.17 4.57 -9.58
N THR A 1049 -25.88 5.57 -8.77
CA THR A 1049 -24.79 5.46 -7.84
C THR A 1049 -25.19 6.23 -6.59
N VAL A 1050 -25.07 5.55 -5.46
CA VAL A 1050 -25.58 6.08 -4.20
C VAL A 1050 -24.62 5.92 -3.01
N TYR A 1051 -24.51 6.97 -2.20
CA TYR A 1051 -23.80 6.91 -0.91
C TYR A 1051 -24.63 7.64 0.14
N GLY A 1052 -25.36 6.87 0.95
CA GLY A 1052 -26.28 7.47 1.89
C GLY A 1052 -27.40 8.16 1.14
N ASP A 1053 -27.52 9.45 1.33
CA ASP A 1053 -28.54 10.16 0.55
C ASP A 1053 -27.93 10.98 -0.58
N ASP A 1054 -26.65 10.78 -0.78
CA ASP A 1054 -25.91 11.38 -1.87
C ASP A 1054 -26.15 10.50 -3.10
N ILE A 1055 -27.06 10.98 -3.96
CA ILE A 1055 -27.54 10.20 -5.08
C ILE A 1055 -27.03 10.79 -6.38
N ILE A 1056 -26.52 9.92 -7.24
CA ILE A 1056 -26.16 10.31 -8.57
C ILE A 1056 -26.78 9.38 -9.61
N LEU A 1057 -27.56 9.97 -10.51
CA LEU A 1057 -28.14 9.26 -11.66
C LEU A 1057 -28.20 10.20 -12.88
N PRO A 1058 -28.63 9.69 -14.05
CA PRO A 1058 -28.60 10.56 -15.23
C PRO A 1058 -29.61 11.71 -15.09
N SER A 1059 -29.22 12.87 -15.63
CA SER A 1059 -29.95 14.10 -15.44
C SER A 1059 -31.42 13.98 -15.85
N CYS A 1060 -31.65 13.33 -16.99
CA CYS A 1060 -32.97 13.08 -17.56
C CYS A 1060 -33.95 12.44 -16.63
N ALA A 1061 -33.42 11.67 -15.67
CA ALA A 1061 -34.25 10.89 -14.76
C ALA A 1061 -34.75 11.72 -13.59
N VAL A 1062 -34.31 12.96 -13.51
CA VAL A 1062 -34.54 13.70 -12.29
C VAL A 1062 -36.00 14.07 -12.06
N PRO A 1063 -36.71 14.56 -13.09
CA PRO A 1063 -38.13 14.95 -12.88
C PRO A 1063 -38.99 13.77 -12.44
N ALA A 1064 -38.71 12.59 -13.01
CA ALA A 1064 -39.42 11.38 -12.66
C ALA A 1064 -38.99 10.91 -11.25
N LEU A 1065 -37.70 10.95 -10.96
CA LEU A 1065 -37.17 10.68 -9.61
C LEU A 1065 -37.79 11.60 -8.59
N ARG A 1066 -37.90 12.88 -8.93
CA ARG A 1066 -38.60 13.82 -8.05
C ARG A 1066 -40.03 13.37 -7.75
N GLU A 1067 -40.74 12.88 -8.76
CA GLU A 1067 -42.12 12.45 -8.56
C GLU A 1067 -42.24 11.14 -7.76
N VAL A 1068 -41.34 10.19 -8.01
CA VAL A 1068 -41.37 8.96 -7.24
C VAL A 1068 -41.09 9.28 -5.78
N PHE A 1069 -40.08 10.12 -5.57
CA PHE A 1069 -39.70 10.58 -4.24
C PHE A 1069 -40.84 11.27 -3.52
N LYS A 1070 -41.53 12.17 -4.20
CA LYS A 1070 -42.71 12.78 -3.62
C LYS A 1070 -43.68 11.72 -3.16
N TYR A 1071 -43.93 10.73 -4.02
CA TYR A 1071 -44.97 9.74 -3.74
C TYR A 1071 -44.69 8.87 -2.53
N VAL A 1072 -43.43 8.56 -2.29
CA VAL A 1072 -43.12 7.64 -1.21
C VAL A 1072 -42.78 8.34 0.09
N GLY A 1073 -42.98 9.66 0.14
CA GLY A 1073 -42.93 10.38 1.40
C GLY A 1073 -41.65 11.17 1.63
N PHE A 1074 -40.86 11.33 0.57
CA PHE A 1074 -39.62 12.08 0.66
C PHE A 1074 -39.88 13.50 0.22
N THR A 1075 -38.98 14.41 0.62
CA THR A 1075 -38.96 15.75 0.06
C THR A 1075 -37.55 16.01 -0.50
N THR A 1076 -37.45 16.14 -1.81
CA THR A 1076 -36.14 16.43 -2.36
C THR A 1076 -35.74 17.89 -2.03
N ASN A 1077 -34.49 18.08 -1.66
CA ASN A 1077 -33.91 19.39 -1.38
C ASN A 1077 -33.47 20.14 -2.65
N THR A 1078 -34.40 20.80 -3.34
CA THR A 1078 -34.10 21.59 -4.54
C THR A 1078 -32.82 22.43 -4.43
N LYS A 1079 -32.54 22.94 -3.24
CA LYS A 1079 -31.38 23.78 -3.02
C LYS A 1079 -30.05 23.03 -3.20
N LYS A 1080 -30.04 21.73 -2.95
CA LYS A 1080 -28.80 20.99 -3.00
C LYS A 1080 -28.88 19.94 -4.11
N THR A 1081 -29.89 20.06 -4.97
CA THR A 1081 -29.97 19.12 -6.05
C THR A 1081 -29.78 19.82 -7.37
N PHE A 1082 -28.91 19.25 -8.20
CA PHE A 1082 -28.49 19.91 -9.42
C PHE A 1082 -28.53 18.92 -10.54
N SER A 1083 -29.46 19.17 -11.47
CA SER A 1083 -29.56 18.41 -12.72
C SER A 1083 -29.11 19.25 -13.94
N GLU A 1084 -28.69 20.47 -13.69
CA GLU A 1084 -28.23 21.36 -14.75
C GLU A 1084 -27.35 22.48 -14.20
N GLY A 1085 -26.81 23.28 -15.12
CA GLY A 1085 -25.88 24.34 -14.77
C GLY A 1085 -24.47 23.79 -14.58
N PRO A 1086 -23.51 24.68 -14.33
CA PRO A 1086 -22.07 24.35 -14.28
C PRO A 1086 -21.65 23.57 -13.04
N PHE A 1087 -22.55 23.43 -12.08
CA PHE A 1087 -22.19 23.00 -10.74
C PHE A 1087 -22.68 21.60 -10.24
N ARG A 1088 -21.78 20.87 -9.59
CA ARG A 1088 -22.17 19.65 -8.88
C ARG A 1088 -21.51 19.45 -7.49
N GLU A 1089 -22.15 18.70 -6.60
CA GLU A 1089 -21.57 18.31 -5.29
C GLU A 1089 -21.94 16.87 -4.91
N SER A 1090 -20.96 16.07 -4.53
CA SER A 1090 -21.26 14.77 -3.95
C SER A 1090 -20.20 14.50 -2.89
N CYS A 1091 -20.61 13.97 -1.74
CA CYS A 1091 -19.65 13.54 -0.71
C CYS A 1091 -18.56 14.54 -0.39
N GLY A 1092 -18.92 15.82 -0.28
CA GLY A 1092 -17.95 16.82 0.14
C GLY A 1092 -16.98 17.37 -0.90
N LYS A 1093 -17.05 16.91 -2.14
CA LYS A 1093 -16.35 17.58 -3.25
C LYS A 1093 -17.36 18.42 -4.03
N HIS A 1094 -16.96 19.62 -4.45
CA HIS A 1094 -17.85 20.54 -5.15
C HIS A 1094 -17.18 20.98 -6.46
N TYR A 1095 -17.88 20.83 -7.58
CA TYR A 1095 -17.27 21.22 -8.85
C TYR A 1095 -18.05 22.29 -9.62
N TYR A 1096 -17.29 23.07 -10.37
CA TYR A 1096 -17.86 24.08 -11.24
C TYR A 1096 -17.18 24.02 -12.60
N SER A 1097 -17.91 23.49 -13.59
CA SER A 1097 -17.35 23.30 -14.91
C SER A 1097 -16.06 22.52 -14.78
N GLY A 1098 -16.04 21.58 -13.86
CA GLY A 1098 -14.91 20.69 -13.74
C GLY A 1098 -13.83 21.13 -12.79
N VAL A 1099 -13.93 22.36 -12.29
CA VAL A 1099 -12.87 22.82 -11.39
C VAL A 1099 -13.24 22.62 -9.92
N ASP A 1100 -12.26 22.19 -9.13
CA ASP A 1100 -12.47 21.94 -7.72
C ASP A 1100 -12.75 23.25 -7.00
N VAL A 1101 -13.90 23.29 -6.37
CA VAL A 1101 -14.47 24.55 -5.96
C VAL A 1101 -14.93 24.33 -4.53
N THR A 1102 -14.55 23.16 -4.02
CA THR A 1102 -14.72 22.78 -2.60
C THR A 1102 -14.23 23.85 -1.62
N PRO A 1103 -15.05 24.19 -0.63
CA PRO A 1103 -14.66 25.25 0.29
C PRO A 1103 -14.08 24.72 1.62
N PHE A 1104 -13.64 25.61 2.50
CA PHE A 1104 -13.33 25.15 3.86
C PHE A 1104 -14.22 25.84 4.89
N TYR A 1105 -14.43 25.17 6.01
CA TYR A 1105 -15.32 25.71 7.05
C TYR A 1105 -14.56 26.03 8.30
N ILE A 1106 -14.82 27.21 8.84
CA ILE A 1106 -14.37 27.53 10.19
C ILE A 1106 -15.51 27.24 11.15
N ARG A 1107 -15.37 26.17 11.92
CA ARG A 1107 -16.49 25.67 12.73
C ARG A 1107 -16.63 26.23 14.15
N HIS A 1108 -15.52 26.67 14.75
CA HIS A 1108 -15.52 27.01 16.17
C HIS A 1108 -14.92 28.38 16.51
N ARG A 1109 -15.20 28.85 17.72
CA ARG A 1109 -14.45 29.98 18.24
C ARG A 1109 -12.99 29.51 18.28
N ILE A 1110 -12.12 30.27 17.61
CA ILE A 1110 -10.73 29.89 17.63
C ILE A 1110 -10.01 30.47 18.86
N VAL A 1111 -9.44 29.60 19.67
CA VAL A 1111 -8.92 30.02 20.94
C VAL A 1111 -7.56 29.41 21.26
N SER A 1112 -7.30 28.21 20.77
CA SER A 1112 -5.98 27.64 20.99
C SER A 1112 -5.13 27.82 19.75
N PRO A 1113 -3.81 27.79 19.92
CA PRO A 1113 -2.93 27.83 18.74
C PRO A 1113 -3.28 26.72 17.71
N ALA A 1114 -3.58 25.50 18.17
CA ALA A 1114 -4.10 24.45 17.26
C ALA A 1114 -5.36 24.88 16.50
N ASP A 1115 -6.31 25.53 17.17
CA ASP A 1115 -7.44 26.09 16.41
C ASP A 1115 -6.93 26.90 15.24
N LEU A 1116 -6.10 27.91 15.52
CA LEU A 1116 -5.63 28.83 14.49
C LEU A 1116 -4.89 28.09 13.41
N ILE A 1117 -4.08 27.11 13.81
CA ILE A 1117 -3.34 26.30 12.85
C ILE A 1117 -4.29 25.55 11.88
N LEU A 1118 -5.25 24.84 12.42
CA LEU A 1118 -6.32 24.28 11.59
C LEU A 1118 -6.82 25.30 10.57
N VAL A 1119 -7.27 26.47 11.02
CA VAL A 1119 -7.76 27.45 10.06
C VAL A 1119 -6.73 27.81 9.02
N LEU A 1120 -5.54 28.23 9.45
CA LEU A 1120 -4.47 28.56 8.51
C LEU A 1120 -4.10 27.42 7.53
N ASN A 1121 -4.03 26.18 8.03
CA ASN A 1121 -3.84 25.08 7.11
C ASN A 1121 -5.00 24.87 6.12
N ASN A 1122 -6.24 24.95 6.59
CA ASN A 1122 -7.36 24.88 5.65
C ASN A 1122 -7.28 25.99 4.61
N LEU A 1123 -6.76 27.16 4.98
CA LEU A 1123 -6.59 28.22 4.01
C LEU A 1123 -5.52 27.77 3.03
N TYR A 1124 -4.45 27.22 3.61
CA TYR A 1124 -3.33 26.76 2.82
C TYR A 1124 -3.79 25.82 1.72
N ARG A 1125 -4.54 24.82 2.10
CA ARG A 1125 -4.91 23.75 1.17
C ARG A 1125 -5.94 24.24 0.16
N TRP A 1126 -6.70 25.27 0.51
CA TRP A 1126 -7.67 25.79 -0.43
C TRP A 1126 -7.00 26.70 -1.46
N ALA A 1127 -5.96 27.42 -1.09
CA ALA A 1127 -5.43 28.47 -2.00
C ALA A 1127 -4.08 28.11 -2.59
N THR A 1128 -3.65 26.90 -2.34
CA THR A 1128 -2.34 26.51 -2.77
C THR A 1128 -2.43 25.54 -3.93
N ILE A 1129 -1.71 25.83 -5.00
CA ILE A 1129 -1.53 24.81 -6.03
C ILE A 1129 -0.14 24.24 -5.95
N ASP A 1130 -0.07 22.99 -5.54
CA ASP A 1130 1.18 22.28 -5.45
C ASP A 1130 2.26 23.09 -4.74
N GLY A 1131 1.95 23.55 -3.53
CA GLY A 1131 2.87 24.32 -2.72
C GLY A 1131 2.99 25.81 -3.02
N VAL A 1132 2.33 26.26 -4.08
CA VAL A 1132 2.52 27.63 -4.53
C VAL A 1132 1.29 28.48 -4.16
N TRP A 1133 1.49 29.60 -3.50
CA TRP A 1133 0.35 30.39 -3.05
C TRP A 1133 -0.36 31.17 -4.16
N ASP A 1134 -1.68 31.13 -4.17
CA ASP A 1134 -2.42 32.28 -4.72
C ASP A 1134 -2.04 33.50 -3.86
N PRO A 1135 -1.41 34.51 -4.47
CA PRO A 1135 -1.00 35.68 -3.69
C PRO A 1135 -2.16 36.42 -2.93
N ARG A 1136 -3.37 36.32 -3.43
CA ARG A 1136 -4.45 37.06 -2.80
C ARG A 1136 -4.67 36.51 -1.42
N ALA A 1137 -4.57 35.18 -1.31
CA ALA A 1137 -4.80 34.50 -0.04
C ALA A 1137 -3.57 34.52 0.87
N HIS A 1138 -2.38 34.55 0.28
CA HIS A 1138 -1.16 34.52 1.07
C HIS A 1138 -1.11 35.69 2.03
N SER A 1139 -1.62 36.81 1.58
CA SER A 1139 -1.50 38.04 2.34
C SER A 1139 -2.30 37.89 3.63
N VAL A 1140 -3.48 37.28 3.52
CA VAL A 1140 -4.26 36.96 4.69
C VAL A 1140 -3.57 35.90 5.59
N TYR A 1141 -3.04 34.85 4.99
CA TYR A 1141 -2.34 33.83 5.77
C TYR A 1141 -1.17 34.41 6.62
N LEU A 1142 -0.31 35.18 5.99
CA LEU A 1142 0.82 35.75 6.68
C LEU A 1142 0.38 36.66 7.81
N LYS A 1143 -0.74 37.33 7.64
CA LYS A 1143 -1.13 38.32 8.63
C LYS A 1143 -1.60 37.61 9.88
N TYR A 1144 -2.34 36.51 9.73
CA TYR A 1144 -2.84 35.86 10.93
C TYR A 1144 -1.86 34.80 11.47
N ARG A 1145 -0.91 34.36 10.66
CA ARG A 1145 0.17 33.53 11.19
C ARG A 1145 0.88 34.25 12.36
N LYS A 1146 0.76 35.58 12.38
CA LYS A 1146 1.45 36.42 13.38
C LYS A 1146 0.83 36.30 14.75
N LEU A 1147 -0.41 35.84 14.82
CA LEU A 1147 -1.09 35.68 16.10
C LEU A 1147 -0.58 34.48 16.87
N LEU A 1148 0.00 33.50 16.20
CA LEU A 1148 0.58 32.35 16.92
C LEU A 1148 1.81 32.74 17.73
N PRO A 1149 2.09 32.00 18.82
CA PRO A 1149 3.42 32.09 19.47
C PRO A 1149 4.50 31.89 18.41
N LYS A 1150 5.62 32.56 18.56
CA LYS A 1150 6.65 32.63 17.53
C LYS A 1150 7.19 31.28 17.08
N GLN A 1151 7.52 30.40 18.02
CA GLN A 1151 8.07 29.13 17.59
C GLN A 1151 7.08 28.33 16.74
N LEU A 1152 5.79 28.50 17.04
CA LEU A 1152 4.75 27.82 16.27
C LEU A 1152 4.56 28.41 14.87
N GLN A 1153 4.99 29.65 14.66
CA GLN A 1153 4.99 30.24 13.32
C GLN A 1153 5.95 29.53 12.36
N ARG A 1154 7.02 28.94 12.89
CA ARG A 1154 8.03 28.31 12.06
C ARG A 1154 8.02 26.78 12.16
N ASN A 1155 7.23 26.21 13.06
CA ASN A 1155 7.19 24.75 13.16
C ASN A 1155 6.29 24.16 12.08
N THR A 1156 6.89 23.78 10.96
CA THR A 1156 6.18 23.36 9.77
C THR A 1156 6.21 21.84 9.54
N ILE A 1157 5.11 21.30 9.02
CA ILE A 1157 5.06 19.93 8.50
C ILE A 1157 4.63 19.95 7.03
N PRO A 1158 4.95 18.87 6.29
CA PRO A 1158 4.40 18.71 4.95
C PRO A 1158 2.89 18.47 4.98
N ASP A 1159 2.23 18.61 3.83
CA ASP A 1159 0.83 18.23 3.73
C ASP A 1159 0.71 16.70 3.83
N GLY A 1160 -0.44 16.21 4.26
CA GLY A 1160 -0.60 14.82 4.52
C GLY A 1160 -0.16 14.38 5.91
N TYR A 1161 0.08 15.31 6.82
CA TYR A 1161 0.47 14.90 8.17
C TYR A 1161 -0.38 15.47 9.30
N GLY A 1162 -1.63 15.81 9.00
CA GLY A 1162 -2.53 16.29 10.03
C GLY A 1162 -2.32 17.76 10.27
N ASP A 1163 -2.68 18.23 11.46
CA ASP A 1163 -2.78 19.66 11.72
C ASP A 1163 -2.19 20.07 13.06
N GLY A 1164 -1.16 19.35 13.49
CA GLY A 1164 -0.48 19.66 14.73
C GLY A 1164 0.70 20.56 14.52
N ALA A 1165 0.90 20.97 13.26
CA ALA A 1165 1.87 22.01 12.88
C ALA A 1165 1.30 22.73 11.66
N LEU A 1166 1.85 23.89 11.29
CA LEU A 1166 1.53 24.50 9.99
C LEU A 1166 2.11 23.69 8.85
N VAL A 1167 1.30 23.49 7.81
CA VAL A 1167 1.78 22.94 6.56
C VAL A 1167 2.68 23.98 5.87
N GLY A 1168 3.84 23.52 5.40
CA GLY A 1168 4.85 24.33 4.74
C GLY A 1168 6.07 23.49 4.41
N SER A 1169 7.26 24.08 4.41
CA SER A 1169 8.47 23.32 4.06
C SER A 1169 9.29 22.78 5.24
N VAL A 1170 9.24 21.46 5.45
CA VAL A 1170 9.87 20.82 6.61
C VAL A 1170 11.40 20.90 6.62
N LEU A 1171 11.97 21.25 5.48
CA LEU A 1171 13.42 21.40 5.36
C LEU A 1171 13.89 22.72 5.99
N ILE A 1172 12.99 23.68 6.12
CA ILE A 1172 13.29 24.95 6.76
C ILE A 1172 13.03 24.89 8.27
N ASN A 1173 12.29 23.88 8.71
CA ASN A 1173 11.87 23.78 10.11
C ASN A 1173 13.07 23.67 11.06
N PRO A 1174 13.32 24.73 11.84
CA PRO A 1174 14.43 24.78 12.81
C PRO A 1174 14.28 23.74 13.90
N PHE A 1175 13.07 23.21 14.07
CA PHE A 1175 12.79 22.31 15.17
C PHE A 1175 12.90 20.88 14.70
N ALA A 1176 13.09 20.69 13.41
CA ALA A 1176 13.20 19.32 12.91
C ALA A 1176 14.51 18.66 13.37
N LYS A 1177 14.42 17.60 14.15
CA LYS A 1177 15.63 16.85 14.47
C LYS A 1177 15.80 15.60 13.59
N ASN A 1178 16.98 15.46 13.02
CA ASN A 1178 17.33 14.27 12.26
C ASN A 1178 18.06 13.28 13.14
N ARG A 1179 17.51 12.09 13.30
CA ARG A 1179 18.09 11.09 14.16
C ARG A 1179 18.23 9.83 13.34
N GLY A 1180 19.47 9.41 13.10
CA GLY A 1180 19.69 8.15 12.40
C GLY A 1180 19.08 8.15 11.02
N TRP A 1181 19.17 9.28 10.35
CA TRP A 1181 18.75 9.38 8.97
C TRP A 1181 17.26 9.42 8.83
N ILE A 1182 16.57 9.60 9.94
CA ILE A 1182 15.15 9.88 9.83
C ILE A 1182 14.73 11.18 10.54
N ARG A 1183 13.94 11.98 9.81
CA ARG A 1183 13.46 13.29 10.26
C ARG A 1183 12.31 13.18 11.24
N TYR A 1184 12.38 13.95 12.33
CA TYR A 1184 11.30 14.00 13.30
C TYR A 1184 10.84 15.43 13.48
N VAL A 1185 9.58 15.70 13.18
CA VAL A 1185 9.04 16.99 13.53
C VAL A 1185 8.12 16.82 14.72
N PRO A 1186 8.17 17.80 15.64
CA PRO A 1186 7.26 17.89 16.78
C PRO A 1186 5.92 18.53 16.34
N VAL A 1187 4.79 17.95 16.77
CA VAL A 1187 3.44 18.44 16.45
C VAL A 1187 2.60 18.45 17.71
N ILE A 1188 1.60 19.35 17.73
CA ILE A 1188 0.65 19.40 18.83
C ILE A 1188 -0.31 18.19 18.81
N THR A 1189 -0.52 17.58 19.96
CA THR A 1189 -1.45 16.44 20.10
C THR A 1189 -2.32 16.74 21.29
N ASP A 1190 -3.50 16.11 21.36
CA ASP A 1190 -4.32 16.34 22.54
C ASP A 1190 -3.72 15.54 23.68
N HIS A 1191 -3.55 16.21 24.82
CA HIS A 1191 -2.91 15.59 25.96
C HIS A 1191 -3.90 14.62 26.65
N THR A 1192 -3.47 13.38 26.85
CA THR A 1192 -4.34 12.38 27.47
C THR A 1192 -3.82 11.81 28.78
N ARG A 1193 -4.70 11.20 29.55
CA ARG A 1193 -4.32 10.46 30.74
C ARG A 1193 -4.80 9.04 30.61
N ASP A 1194 -3.97 8.08 30.98
CA ASP A 1194 -4.38 6.70 30.90
C ASP A 1194 -5.53 6.36 31.85
N ARG A 1195 -6.35 5.41 31.44
CA ARG A 1195 -7.47 4.97 32.25
C ARG A 1195 -7.28 3.47 32.47
N GLU A 1196 -8.15 2.87 33.27
CA GLU A 1196 -8.08 1.42 33.46
C GLU A 1196 -9.08 0.77 32.51
N ARG A 1197 -8.64 -0.28 31.83
CA ARG A 1197 -9.52 -1.01 30.94
C ARG A 1197 -10.19 -2.11 31.72
N ALA A 1198 -11.28 -2.64 31.17
CA ALA A 1198 -11.97 -3.78 31.77
C ALA A 1198 -11.34 -5.08 31.26
N GLU A 1199 -10.73 -5.84 32.16
CA GLU A 1199 -9.92 -6.99 31.75
C GLU A 1199 -10.71 -8.12 31.07
N LEU A 1200 -11.80 -8.58 31.68
CA LEU A 1200 -12.66 -9.60 31.08
C LEU A 1200 -13.29 -9.09 29.78
N GLY A 1201 -13.64 -7.81 29.76
CA GLY A 1201 -14.28 -7.20 28.61
C GLY A 1201 -13.30 -7.09 27.48
N SER A 1202 -12.06 -6.72 27.78
CA SER A 1202 -11.08 -6.54 26.72
C SER A 1202 -10.67 -7.88 26.16
N TYR A 1203 -10.59 -8.87 27.03
CA TYR A 1203 -10.28 -10.23 26.62
C TYR A 1203 -11.35 -10.71 25.66
N LEU A 1204 -12.59 -10.60 26.11
CA LEU A 1204 -13.77 -10.95 25.34
C LEU A 1204 -13.69 -10.31 23.98
N TYR A 1205 -13.48 -8.99 23.98
CA TYR A 1205 -13.47 -8.23 22.75
C TYR A 1205 -12.40 -8.73 21.79
N ASP A 1206 -11.23 -9.04 22.33
CA ASP A 1206 -10.15 -9.67 21.59
C ASP A 1206 -10.62 -10.97 20.94
N LEU A 1207 -11.09 -11.91 21.75
CA LEU A 1207 -11.52 -13.19 21.22
C LEU A 1207 -12.62 -13.02 20.18
N PHE A 1208 -13.59 -12.17 20.48
CA PHE A 1208 -14.71 -11.99 19.59
C PHE A 1208 -14.20 -11.48 18.24
N SER A 1209 -13.20 -10.61 18.32
CA SER A 1209 -12.54 -10.08 17.12
C SER A 1209 -11.89 -11.16 16.26
N ARG A 1210 -11.15 -12.08 16.90
CA ARG A 1210 -10.47 -13.17 16.20
C ARG A 1210 -11.46 -14.15 15.59
N CYS A 1211 -12.60 -14.32 16.25
CA CYS A 1211 -13.69 -15.11 15.69
C CYS A 1211 -14.18 -14.46 14.38
N LEU A 1212 -14.41 -13.14 14.40
CA LEU A 1212 -14.79 -12.39 13.19
C LEU A 1212 -13.83 -12.59 12.00
N SER A 1213 -12.53 -12.56 12.26
CA SER A 1213 -11.55 -12.76 11.18
C SER A 1213 -11.74 -14.11 10.52
N GLU A 1214 -11.58 -15.18 11.31
CA GLU A 1214 -11.69 -16.54 10.80
C GLU A 1214 -12.81 -16.71 9.75
N SER A 1215 -13.95 -16.06 9.99
CA SER A 1215 -15.14 -16.21 9.13
C SER A 1215 -15.27 -15.12 8.06
N ASN A 1216 -14.13 -14.66 7.55
CA ASN A 1216 -14.11 -13.70 6.43
C ASN A 1216 -12.69 -13.53 5.87
N ALA A 1234 7.01 -7.95 -3.27
CA ALA A 1234 6.84 -6.57 -2.80
C ALA A 1234 5.54 -6.38 -2.00
N ILE A 1235 4.75 -7.45 -1.92
CA ILE A 1235 3.45 -7.42 -1.22
C ILE A 1235 3.53 -8.06 0.17
N ASP A 1236 4.00 -7.28 1.14
CA ASP A 1236 4.28 -7.80 2.48
C ASP A 1236 3.80 -6.84 3.58
N GLN A 1237 2.66 -6.21 3.36
CA GLN A 1237 2.01 -5.41 4.39
C GLN A 1237 1.55 -6.33 5.51
N LEU A 1238 1.62 -7.64 5.25
CA LEU A 1238 1.09 -8.66 6.16
C LEU A 1238 2.13 -9.20 7.15
N ILE A 1239 3.22 -8.46 7.34
CA ILE A 1239 4.21 -8.80 8.36
C ILE A 1239 3.79 -8.14 9.69
N CYS A 1240 2.56 -7.63 9.75
CA CYS A 1240 2.08 -6.87 10.90
C CYS A 1240 0.69 -7.34 11.41
N ARG A 1241 0.33 -6.99 12.65
CA ARG A 1241 -0.93 -7.43 13.29
C ARG A 1241 -2.01 -6.34 13.42
N SER A 1242 -2.85 -6.49 14.45
CA SER A 1242 -3.72 -5.42 14.93
C SER A 1242 -3.76 -5.36 16.47
N ASN A 1243 -3.90 -4.15 17.02
CA ASN A 1243 -3.39 -3.80 18.36
C ASN A 1243 -4.27 -3.98 19.63
N PRO A 1244 -3.63 -3.93 20.82
CA PRO A 1244 -4.28 -4.10 22.12
C PRO A 1244 -5.37 -3.07 22.36
N THR A 1245 -5.95 -3.10 23.54
CA THR A 1245 -6.95 -2.10 23.88
C THR A 1245 -6.50 -1.26 25.07
N LYS A 1246 -6.32 0.04 24.84
CA LYS A 1246 -5.92 0.99 25.87
C LYS A 1246 -6.99 2.08 25.97
N ILE A 1247 -7.37 2.44 27.19
CA ILE A 1247 -8.35 3.49 27.40
C ILE A 1247 -7.72 4.79 27.91
N SER A 1248 -8.30 5.91 27.54
CA SER A 1248 -7.73 7.20 27.93
C SER A 1248 -8.80 8.30 28.05
N ARG A 1249 -8.38 9.42 28.61
CA ARG A 1249 -9.28 10.52 28.87
C ARG A 1249 -8.54 11.73 28.34
N SER A 1250 -9.22 12.57 27.59
CA SER A 1250 -8.60 13.82 27.20
C SER A 1250 -8.72 14.78 28.36
N THR A 1251 -7.59 15.20 28.91
CA THR A 1251 -7.53 16.44 29.66
C THR A 1251 -7.76 17.49 28.57
N GLY A 1252 -7.91 18.77 28.91
CA GLY A 1252 -8.03 19.78 27.85
C GLY A 1252 -6.72 20.43 27.46
N LYS A 1253 -5.60 19.82 27.84
CA LYS A 1253 -4.31 20.41 27.56
C LYS A 1253 -3.69 19.85 26.25
N PHE A 1254 -2.62 20.47 25.78
CA PHE A 1254 -1.99 19.97 24.57
C PHE A 1254 -0.64 19.40 24.89
N ASP A 1255 -0.30 18.36 24.16
CA ASP A 1255 1.00 17.77 24.32
C ASP A 1255 1.81 18.02 23.03
N ILE A 1256 3.10 17.78 23.10
CA ILE A 1256 3.93 17.92 21.92
C ILE A 1256 4.56 16.58 21.67
N GLN A 1257 4.28 16.03 20.48
CA GLN A 1257 4.77 14.72 20.09
C GLN A 1257 5.69 14.79 18.86
N TYR A 1258 6.83 14.12 18.93
CA TYR A 1258 7.70 13.99 17.78
C TYR A 1258 7.31 12.79 16.90
N ILE A 1259 7.19 13.04 15.59
CA ILE A 1259 6.70 12.06 14.63
C ILE A 1259 7.61 12.01 13.41
N ALA A 1260 7.76 10.84 12.82
CA ALA A 1260 8.61 10.71 11.63
C ALA A 1260 7.88 11.27 10.43
N CYS A 1261 8.59 12.03 9.62
CA CYS A 1261 8.03 12.42 8.33
C CYS A 1261 9.06 12.76 7.26
N SER A 1262 8.71 12.44 6.02
CA SER A 1262 9.59 12.63 4.87
C SER A 1262 9.11 13.82 4.06
N SER A 1263 8.30 13.50 3.05
CA SER A 1263 7.70 14.48 2.14
C SER A 1263 6.87 13.71 1.12
N ARG A 1264 6.28 12.60 1.57
CA ARG A 1264 5.50 11.72 0.68
C ARG A 1264 4.05 12.17 0.55
PG GH3 D . -30.57 17.95 5.26
O1G GH3 D . -30.28 17.65 3.72
O2G GH3 D . -31.68 18.88 5.27
O3G GH3 D . -29.35 18.63 5.96
O3B GH3 D . -30.90 16.74 6.20
PB GH3 D . -30.31 15.23 6.15
O1B GH3 D . -30.86 14.48 7.33
O2B GH3 D . -30.81 14.48 4.83
O3A GH3 D . -28.79 15.28 6.48
PA GH3 D . -27.54 15.13 5.50
O1A GH3 D . -27.93 15.60 4.17
O2A GH3 D . -26.39 16.03 6.07
O5' GH3 D . -27.13 13.60 5.39
C5' GH3 D . -28.11 12.64 5.56
C4' GH3 D . -27.84 11.26 5.34
O4' GH3 D . -26.52 10.84 5.84
C3' GH3 D . -28.81 10.50 6.15
C2' GH3 D . -28.11 10.22 7.41
O2' GH3 D . -28.52 9.01 7.88
C1' GH3 D . -26.66 10.25 7.10
N9 GH3 D . -25.96 11.05 8.10
C8 GH3 D . -25.44 12.23 7.91
N7 GH3 D . -24.90 12.74 8.90
C5 GH3 D . -24.99 11.97 9.95
C6 GH3 D . -24.59 12.04 11.28
O6 GH3 D . -23.90 13.17 11.73
N1 GH3 D . -24.87 10.97 12.09
C2 GH3 D . -25.55 9.86 11.66
N2 GH3 D . -25.80 8.80 12.55
N3 GH3 D . -25.96 9.78 10.35
C4 GH3 D . -25.70 10.77 9.49
CA CA E . -29.89 15.40 2.69
CA CA F . -25.87 15.48 -0.72
#